data_8K9I
#
_entry.id   8K9I
#
loop_
_entity.id
_entity.type
_entity.pdbx_description
1 polymer Cullin-3
2 polymer 'Kelch-like protein 22'
3 polymer 'E3 ubiquitin-protein ligase RBX1, N-terminally processed'
#
loop_
_entity_poly.entity_id
_entity_poly.type
_entity_poly.pdbx_seq_one_letter_code
_entity_poly.pdbx_strand_id
1 'polypeptide(L)'
;MDEKYVNSIWDLLKNAIQEIQRKNNSGLSFEELYRNAYTMVLHKHGEKLYTGLREVVTEHLINKVREDVLNSLNNNFLQT
LNQAWNDHQTAMVMIRDILMYMDRVYVQQNNVENVYNLGLIIFRDQVVRYGCIRDHLRQTLLDMIARERKGEVVDRGAIR
NACQMLMILGLEGRSVYEEDFEAPFLEMSAEFFQMESQKFLAENSASVYIKKVEARINEEIERVMHCLDKSTEEPIVKVV
ERELISKHMKTIVEMENSGLVHMLKNGKTEDLGCMYKLFSRVPNGLKTMCECMSSYLREQGKALVSEEGEGKNPVDYIQG
LLDLKSRFDRFLLESFNNDRLFKQTIAGDFEYFLNLNSRSPEYLSLFIDDKLKKGVKGLTEQEVETILDKAMVLFRFMQE
KDVFERYYKQHLARRLLTNKSVSDDSEKNMISKLKTECGCQFTSKLEGMFRDMSISNTTMDEFRQHLQATGVSLGGVDLT
VRVLTTGYWPTQSATPKCNIPPAPRHAFEIFRRFYLAKHSGRQLTLQHHMGSADLNATFYGPVKKEDGSEVGVGGAQVTG
SNTRKHILQVSTFQMTILMLFNNREKYTFEEIQQETDIPERELVRALQSLACGKPTQRVLTKEPKSKEIENGHIFTVNDQ
FTSKLHRVKIQTVAAKQGESDPERKETRQKVDDDRKHEIEAAIVRIMKSRKKMQHNVLVAEVTQQLKARFLPSPVVIKKR
IEGLIEREYLARTPEDRKVYTYVAKLHHHHHH
;
C
2 'polypeptide(L)'
;MAEEQEFTQLCKLPAQPSHPHCVNNTYRSAQHSQALLRGLLALRDSGILFDVVLVVEGRHIEAHRILLAASCDYFRGMFA
GGLKEMEQEEVLIHGVSYNAMCQILHFIYTSELELSLSNVQETLVAACQLQIPEIIHFCCDFLMSWVDEENILDVYRLAE
LFDLSRLTEQLDTYILKN
;
K,L
3 'polypeptide(L)'
;MAAAMDVDTPSGTNSGAGKKRFEVKKWNAVALWAWDIVVDNCAICRNHIMDLCIECQANQASATSEECTVAWGVCNHAFH
FHCISRWLKTRQVCPLDNREWEFQKYGH
;
R
#
# COMPACT_ATOMS: atom_id res chain seq x y z
N ASP A 2 46.73 -42.94 -41.16
CA ASP A 2 46.69 -42.65 -42.57
C ASP A 2 45.57 -41.66 -42.90
N GLU A 3 45.88 -40.67 -43.74
CA GLU A 3 44.89 -39.65 -44.07
C GLU A 3 43.85 -40.18 -45.04
N LYS A 4 44.26 -41.07 -45.95
CA LYS A 4 43.29 -41.69 -46.85
C LYS A 4 42.35 -42.62 -46.10
N TYR A 5 42.87 -43.30 -45.07
CA TYR A 5 42.02 -44.16 -44.25
C TYR A 5 40.95 -43.35 -43.53
N VAL A 6 41.35 -42.25 -42.88
CA VAL A 6 40.37 -41.43 -42.20
C VAL A 6 39.42 -40.80 -43.20
N ASN A 7 39.91 -40.47 -44.40
CA ASN A 7 39.03 -39.94 -45.44
C ASN A 7 37.95 -40.93 -45.81
N SER A 8 38.33 -42.19 -46.05
CA SER A 8 37.34 -43.19 -46.43
C SER A 8 36.36 -43.47 -45.29
N ILE A 9 36.89 -43.57 -44.06
CA ILE A 9 36.02 -43.85 -42.88
C ILE A 9 35.15 -42.62 -42.63
N TRP A 10 35.66 -41.42 -42.93
CA TRP A 10 34.84 -40.18 -42.78
C TRP A 10 33.68 -40.23 -43.77
N ASP A 11 33.98 -40.59 -45.02
CA ASP A 11 32.92 -40.68 -46.07
C ASP A 11 31.84 -41.66 -45.60
N LEU A 12 32.26 -42.85 -45.13
CA LEU A 12 31.28 -43.84 -44.62
C LEU A 12 30.45 -43.19 -43.51
N LEU A 13 31.11 -42.55 -42.55
CA LEU A 13 30.39 -41.90 -41.42
C LEU A 13 29.48 -40.80 -41.97
N LYS A 14 30.00 -39.97 -42.88
CA LYS A 14 29.21 -38.82 -43.41
C LYS A 14 28.01 -39.36 -44.19
N ASN A 15 28.20 -40.43 -44.99
CA ASN A 15 27.07 -41.06 -45.72
C ASN A 15 26.04 -41.54 -44.69
N ALA A 16 26.50 -42.16 -43.61
CA ALA A 16 25.58 -42.59 -42.53
C ALA A 16 24.95 -41.36 -41.87
N ILE A 17 25.73 -40.27 -41.75
CA ILE A 17 25.21 -39.00 -41.16
C ILE A 17 24.01 -38.53 -42.01
N GLN A 18 24.10 -38.67 -43.33
CA GLN A 18 22.95 -38.30 -44.20
C GLN A 18 21.72 -39.07 -43.69
N GLU A 19 21.89 -40.37 -43.43
CA GLU A 19 20.76 -41.20 -42.93
C GLU A 19 20.27 -40.63 -41.59
N ILE A 20 21.18 -40.45 -40.63
CA ILE A 20 20.76 -39.95 -39.28
C ILE A 20 20.00 -38.64 -39.47
N GLN A 21 20.46 -37.79 -40.39
CA GLN A 21 19.82 -36.47 -40.60
C GLN A 21 18.44 -36.64 -41.25
N ARG A 22 18.34 -37.52 -42.27
CA ARG A 22 17.06 -37.69 -43.00
C ARG A 22 16.05 -38.42 -42.10
N LYS A 23 14.78 -38.43 -42.49
CA LYS A 23 13.72 -39.05 -41.65
C LYS A 23 14.03 -40.54 -41.45
N ASN A 24 14.37 -41.25 -42.53
CA ASN A 24 14.74 -42.69 -42.42
C ASN A 24 16.00 -42.80 -41.57
N ASN A 25 16.00 -43.68 -40.57
CA ASN A 25 17.16 -43.80 -39.65
C ASN A 25 17.47 -45.27 -39.37
N SER A 26 18.21 -45.94 -40.27
CA SER A 26 18.55 -47.38 -40.09
C SER A 26 19.55 -47.82 -41.15
N GLY A 27 19.79 -49.13 -41.27
CA GLY A 27 20.69 -49.65 -42.32
C GLY A 27 22.16 -49.52 -41.94
N LEU A 28 22.44 -49.29 -40.65
CA LEU A 28 23.85 -49.10 -40.20
C LEU A 28 23.97 -49.44 -38.71
N SER A 29 25.14 -49.89 -38.28
CA SER A 29 25.37 -50.20 -36.85
C SER A 29 25.95 -48.96 -36.15
N PHE A 30 25.19 -48.34 -35.25
CA PHE A 30 25.66 -47.11 -34.54
C PHE A 30 27.12 -47.29 -34.11
N GLU A 31 27.46 -48.44 -33.57
CA GLU A 31 28.83 -48.65 -33.02
C GLU A 31 29.86 -48.30 -34.10
N GLU A 32 29.67 -48.79 -35.33
CA GLU A 32 30.59 -48.43 -36.44
C GLU A 32 30.68 -46.90 -36.53
N LEU A 33 29.52 -46.22 -36.56
CA LEU A 33 29.51 -44.74 -36.70
C LEU A 33 30.35 -44.11 -35.59
N TYR A 34 30.04 -44.44 -34.33
CA TYR A 34 30.83 -43.89 -33.20
C TYR A 34 32.31 -44.24 -33.41
N ARG A 35 32.59 -45.51 -33.69
CA ARG A 35 33.99 -45.95 -33.96
C ARG A 35 34.62 -44.96 -34.96
N ASN A 36 33.93 -44.71 -36.07
CA ASN A 36 34.45 -43.74 -37.09
C ASN A 36 34.80 -42.44 -36.39
N ALA A 37 33.83 -41.80 -35.73
CA ALA A 37 34.07 -40.52 -35.04
C ALA A 37 35.16 -40.71 -33.98
N TYR A 38 35.07 -41.79 -33.19
CA TYR A 38 36.06 -42.04 -32.11
C TYR A 38 37.47 -42.07 -32.72
N THR A 39 37.66 -42.91 -33.74
CA THR A 39 39.00 -43.04 -34.38
C THR A 39 39.41 -41.68 -34.98
N MET A 40 38.48 -41.00 -35.65
CA MET A 40 38.82 -39.72 -36.32
C MET A 40 39.37 -38.73 -35.29
N VAL A 41 38.68 -38.58 -34.16
CA VAL A 41 39.14 -37.65 -33.08
C VAL A 41 40.54 -38.09 -32.64
N LEU A 42 40.73 -39.40 -32.42
CA LEU A 42 42.05 -39.94 -31.99
C LEU A 42 43.08 -39.69 -33.10
N HIS A 43 42.63 -39.64 -34.36
CA HIS A 43 43.57 -39.46 -35.50
C HIS A 43 43.69 -37.97 -35.84
N LYS A 44 43.25 -37.11 -34.92
CA LYS A 44 43.33 -35.63 -35.13
C LYS A 44 42.48 -35.24 -36.36
N HIS A 45 41.32 -35.89 -36.52
CA HIS A 45 40.42 -35.58 -37.67
C HIS A 45 38.99 -35.38 -37.14
N GLY A 46 38.83 -35.38 -35.82
CA GLY A 46 37.49 -35.16 -35.22
C GLY A 46 36.95 -33.78 -35.57
N GLU A 47 37.81 -32.76 -35.51
CA GLU A 47 37.39 -31.38 -35.90
C GLU A 47 37.10 -31.36 -37.40
N LYS A 48 37.88 -32.11 -38.19
CA LYS A 48 37.59 -32.21 -39.64
C LYS A 48 36.18 -32.76 -39.81
N LEU A 49 35.83 -33.79 -39.04
CA LEU A 49 34.46 -34.37 -39.09
C LEU A 49 33.46 -33.31 -38.63
N TYR A 50 33.80 -32.53 -37.60
CA TYR A 50 32.88 -31.49 -37.08
C TYR A 50 32.53 -30.51 -38.20
N THR A 51 33.54 -30.05 -38.94
CA THR A 51 33.30 -29.10 -40.06
C THR A 51 32.43 -29.79 -41.13
N GLY A 52 32.74 -31.04 -41.46
CA GLY A 52 31.94 -31.80 -42.44
C GLY A 52 30.51 -31.96 -41.95
N LEU A 53 30.35 -32.27 -40.67
CA LEU A 53 28.99 -32.41 -40.07
C LEU A 53 28.26 -31.07 -40.21
N ARG A 54 28.93 -29.97 -39.86
CA ARG A 54 28.32 -28.62 -40.01
C ARG A 54 27.92 -28.43 -41.47
N GLU A 55 28.78 -28.83 -42.41
CA GLU A 55 28.49 -28.64 -43.86
C GLU A 55 27.18 -29.34 -44.22
N VAL A 56 27.05 -30.63 -43.89
CA VAL A 56 25.83 -31.39 -44.30
C VAL A 56 24.63 -30.84 -43.53
N VAL A 57 24.81 -30.49 -42.25
CA VAL A 57 23.70 -29.88 -41.46
C VAL A 57 23.21 -28.63 -42.19
N THR A 58 24.13 -27.75 -42.61
CA THR A 58 23.75 -26.52 -43.33
C THR A 58 23.06 -26.91 -44.65
N GLU A 59 23.70 -27.78 -45.43
CA GLU A 59 23.11 -28.24 -46.72
C GLU A 59 21.64 -28.64 -46.49
N HIS A 60 21.41 -29.55 -45.53
CA HIS A 60 20.04 -30.02 -45.25
C HIS A 60 19.12 -28.82 -44.97
N LEU A 61 19.57 -27.90 -44.12
CA LEU A 61 18.71 -26.75 -43.72
C LEU A 61 18.55 -25.77 -44.89
N ILE A 62 19.29 -25.97 -45.98
CA ILE A 62 19.20 -25.06 -47.16
C ILE A 62 18.45 -25.78 -48.29
N ASN A 63 18.80 -27.04 -48.57
CA ASN A 63 18.18 -27.75 -49.72
C ASN A 63 16.96 -28.54 -49.29
N LYS A 64 16.98 -29.15 -48.09
CA LYS A 64 15.85 -30.01 -47.67
C LYS A 64 14.89 -29.26 -46.76
N VAL A 65 15.03 -27.93 -46.67
CA VAL A 65 14.16 -27.15 -45.73
C VAL A 65 13.64 -25.89 -46.44
N ARG A 66 14.52 -24.96 -46.81
CA ARG A 66 14.09 -23.68 -47.43
C ARG A 66 13.03 -23.96 -48.50
N GLU A 67 13.34 -24.84 -49.46
CA GLU A 67 12.39 -25.09 -50.58
C GLU A 67 11.06 -25.57 -50.00
N ASP A 68 11.10 -26.48 -49.03
CA ASP A 68 9.85 -27.05 -48.45
C ASP A 68 9.00 -25.92 -47.87
N VAL A 69 9.61 -25.02 -47.09
CA VAL A 69 8.81 -23.94 -46.42
C VAL A 69 8.42 -22.88 -47.46
N LEU A 70 9.18 -22.79 -48.57
CA LEU A 70 8.80 -21.85 -49.62
C LEU A 70 7.59 -22.33 -50.40
N ASN A 71 7.45 -23.65 -50.57
CA ASN A 71 6.24 -24.18 -51.16
C ASN A 71 5.01 -23.84 -50.35
N SER A 72 5.21 -23.50 -49.07
CA SER A 72 4.06 -23.19 -48.17
C SER A 72 3.95 -21.67 -47.98
N LEU A 73 4.72 -20.87 -48.71
CA LEU A 73 4.56 -19.40 -48.62
C LEU A 73 3.09 -19.07 -48.90
N ASN A 74 2.45 -19.80 -49.82
CA ASN A 74 1.02 -19.58 -50.14
C ASN A 74 0.17 -19.83 -48.89
N ASN A 75 0.23 -21.04 -48.33
CA ASN A 75 -0.58 -21.36 -47.17
C ASN A 75 0.19 -22.30 -46.26
N ASN A 76 -0.21 -22.34 -44.98
CA ASN A 76 0.42 -23.27 -44.01
C ASN A 76 1.95 -23.07 -43.96
N PHE A 77 2.42 -21.84 -44.19
CA PHE A 77 3.87 -21.59 -44.05
C PHE A 77 4.30 -21.88 -42.62
N LEU A 78 3.56 -21.33 -41.65
CA LEU A 78 3.89 -21.54 -40.22
C LEU A 78 3.95 -23.04 -39.93
N GLN A 79 2.95 -23.81 -40.35
CA GLN A 79 2.93 -25.22 -40.02
C GLN A 79 4.08 -25.96 -40.70
N THR A 80 4.34 -25.63 -41.96
CA THR A 80 5.48 -26.26 -42.68
C THR A 80 6.80 -25.89 -41.99
N LEU A 81 6.97 -24.60 -41.67
CA LEU A 81 8.19 -24.14 -40.97
C LEU A 81 8.29 -24.84 -39.62
N ASN A 82 7.18 -24.93 -38.89
CA ASN A 82 7.16 -25.63 -37.57
C ASN A 82 7.61 -27.07 -37.77
N GLN A 83 7.03 -27.77 -38.74
CA GLN A 83 7.38 -29.20 -38.99
C GLN A 83 8.88 -29.29 -39.31
N ALA A 84 9.37 -28.43 -40.21
CA ALA A 84 10.81 -28.42 -40.56
C ALA A 84 11.64 -28.22 -39.29
N TRP A 85 11.23 -27.28 -38.43
CA TRP A 85 11.97 -27.01 -37.17
C TRP A 85 12.01 -28.28 -36.31
N ASN A 86 10.85 -28.91 -36.10
CA ASN A 86 10.80 -30.17 -35.31
C ASN A 86 11.74 -31.19 -35.93
N ASP A 87 11.63 -31.41 -37.24
CA ASP A 87 12.50 -32.39 -37.95
C ASP A 87 13.97 -32.02 -37.73
N HIS A 88 14.31 -30.74 -37.90
CA HIS A 88 15.72 -30.28 -37.74
C HIS A 88 16.20 -30.61 -36.32
N GLN A 89 15.42 -30.23 -35.31
CA GLN A 89 15.82 -30.48 -33.90
C GLN A 89 15.98 -31.99 -33.70
N THR A 90 15.05 -32.78 -34.23
CA THR A 90 15.13 -34.26 -34.12
C THR A 90 16.44 -34.75 -34.74
N ALA A 91 16.72 -34.30 -35.98
CA ALA A 91 17.98 -34.71 -36.66
C ALA A 91 19.18 -34.29 -35.82
N MET A 92 19.16 -33.07 -35.29
CA MET A 92 20.33 -32.56 -34.52
C MET A 92 20.61 -33.47 -33.32
N VAL A 93 19.58 -33.80 -32.53
CA VAL A 93 19.83 -34.59 -31.28
C VAL A 93 20.35 -35.98 -31.67
N MET A 94 19.77 -36.63 -32.69
CA MET A 94 20.18 -38.03 -32.99
C MET A 94 21.61 -38.05 -33.58
N ILE A 95 21.94 -37.11 -34.48
CA ILE A 95 23.33 -37.05 -35.02
C ILE A 95 24.27 -36.71 -33.86
N ARG A 96 23.83 -35.86 -32.93
CA ARG A 96 24.66 -35.53 -31.74
C ARG A 96 24.87 -36.80 -30.91
N ASP A 97 23.80 -37.57 -30.68
CA ASP A 97 23.89 -38.81 -29.87
C ASP A 97 24.80 -39.82 -30.57
N ILE A 98 25.24 -39.51 -31.80
CA ILE A 98 26.18 -40.42 -32.52
C ILE A 98 27.56 -39.74 -32.58
N LEU A 99 27.60 -38.43 -32.81
CA LEU A 99 28.89 -37.69 -32.85
C LEU A 99 29.10 -37.04 -31.47
N MET A 100 28.70 -37.74 -30.40
CA MET A 100 28.82 -37.18 -29.02
C MET A 100 30.29 -37.11 -28.60
N TYR A 101 31.13 -38.06 -29.03
CA TYR A 101 32.54 -38.09 -28.58
C TYR A 101 33.24 -36.78 -28.97
N MET A 102 32.95 -36.27 -30.17
CA MET A 102 33.56 -34.99 -30.61
C MET A 102 33.19 -33.89 -29.60
N ASP A 103 31.90 -33.80 -29.24
CA ASP A 103 31.45 -32.80 -28.24
C ASP A 103 32.12 -33.11 -26.89
N ARG A 104 32.30 -34.39 -26.59
CA ARG A 104 32.89 -34.81 -25.29
C ARG A 104 34.31 -34.24 -25.17
N VAL A 105 35.08 -34.18 -26.27
CA VAL A 105 36.50 -33.74 -26.15
C VAL A 105 36.82 -32.62 -27.14
N TYR A 106 36.73 -32.87 -28.46
CA TYR A 106 37.16 -31.84 -29.45
C TYR A 106 36.31 -30.57 -29.36
N VAL A 107 34.99 -30.69 -29.25
CA VAL A 107 34.13 -29.47 -29.28
C VAL A 107 34.51 -28.56 -28.10
N GLN A 108 34.61 -29.11 -26.90
CA GLN A 108 34.97 -28.29 -25.70
C GLN A 108 36.43 -27.84 -25.84
N GLN A 109 37.28 -28.69 -26.42
CA GLN A 109 38.70 -28.31 -26.65
C GLN A 109 38.76 -27.13 -27.62
N ASN A 110 38.22 -27.31 -28.83
CA ASN A 110 38.21 -26.22 -29.85
C ASN A 110 37.37 -25.06 -29.32
N ASN A 111 36.76 -25.22 -28.15
CA ASN A 111 35.93 -24.15 -27.54
C ASN A 111 34.81 -23.77 -28.52
N VAL A 112 34.29 -24.74 -29.27
CA VAL A 112 33.19 -24.48 -30.23
C VAL A 112 31.87 -24.97 -29.61
N GLU A 113 30.76 -24.77 -30.32
CA GLU A 113 29.42 -25.19 -29.80
C GLU A 113 29.21 -26.69 -30.05
N ASN A 114 28.29 -27.31 -29.30
CA ASN A 114 28.02 -28.76 -29.45
C ASN A 114 27.26 -29.00 -30.75
N VAL A 115 27.24 -30.26 -31.23
CA VAL A 115 26.51 -30.61 -32.48
C VAL A 115 25.13 -29.93 -32.46
N TYR A 116 24.35 -30.16 -31.40
CA TYR A 116 22.97 -29.61 -31.35
C TYR A 116 23.04 -28.08 -31.40
N ASN A 117 23.90 -27.49 -30.57
CA ASN A 117 24.05 -26.01 -30.56
C ASN A 117 24.39 -25.55 -31.98
N LEU A 118 25.40 -26.17 -32.60
CA LEU A 118 25.80 -25.80 -33.98
C LEU A 118 24.59 -25.87 -34.91
N GLY A 119 23.89 -27.02 -34.89
CA GLY A 119 22.70 -27.18 -35.74
C GLY A 119 21.73 -26.03 -35.53
N LEU A 120 21.45 -25.67 -34.28
CA LEU A 120 20.47 -24.59 -33.99
C LEU A 120 20.99 -23.27 -34.58
N ILE A 121 22.28 -22.99 -34.40
CA ILE A 121 22.88 -21.75 -34.95
C ILE A 121 22.65 -21.74 -36.47
N ILE A 122 22.95 -22.86 -37.12
CA ILE A 122 22.74 -22.97 -38.59
C ILE A 122 21.27 -22.64 -38.88
N PHE A 123 20.34 -23.25 -38.13
CA PHE A 123 18.90 -23.04 -38.38
C PHE A 123 18.56 -21.55 -38.25
N ARG A 124 19.02 -20.91 -37.16
CA ARG A 124 18.67 -19.49 -36.92
C ARG A 124 19.47 -18.60 -37.86
N ASP A 125 20.19 -19.19 -38.82
CA ASP A 125 20.94 -18.39 -39.83
C ASP A 125 20.47 -18.76 -41.24
N GLN A 126 20.02 -20.01 -41.44
CA GLN A 126 19.63 -20.46 -42.80
C GLN A 126 18.10 -20.57 -42.89
N VAL A 127 17.43 -20.88 -41.77
CA VAL A 127 15.95 -21.09 -41.80
C VAL A 127 15.27 -19.99 -40.96
N VAL A 128 15.30 -20.13 -39.63
CA VAL A 128 14.72 -19.09 -38.74
C VAL A 128 15.61 -17.84 -38.80
N ARG A 129 15.04 -16.66 -38.52
CA ARG A 129 15.85 -15.41 -38.52
C ARG A 129 16.53 -15.27 -39.89
N TYR A 130 15.82 -15.62 -40.95
CA TYR A 130 16.39 -15.56 -42.32
C TYR A 130 16.01 -14.24 -42.99
N GLY A 131 16.56 -13.96 -44.17
CA GLY A 131 16.26 -12.70 -44.88
C GLY A 131 14.79 -12.54 -45.16
N CYS A 132 14.09 -13.64 -45.50
CA CYS A 132 12.65 -13.54 -45.85
C CYS A 132 11.82 -14.48 -44.96
N ILE A 133 12.32 -15.69 -44.72
CA ILE A 133 11.54 -16.70 -43.93
C ILE A 133 11.15 -16.07 -42.59
N ARG A 134 12.11 -15.45 -41.90
CA ARG A 134 11.81 -14.79 -40.60
C ARG A 134 10.65 -13.81 -40.80
N ASP A 135 10.74 -12.92 -41.79
CA ASP A 135 9.69 -11.89 -41.98
C ASP A 135 8.35 -12.60 -42.20
N HIS A 136 8.31 -13.60 -43.08
CA HIS A 136 7.06 -14.37 -43.33
C HIS A 136 6.50 -14.86 -41.99
N LEU A 137 7.37 -15.43 -41.15
CA LEU A 137 6.92 -15.93 -39.82
C LEU A 137 6.46 -14.76 -38.97
N ARG A 138 7.27 -13.68 -38.92
CA ARG A 138 6.93 -12.51 -38.06
C ARG A 138 5.58 -11.94 -38.49
N GLN A 139 5.38 -11.70 -39.79
CA GLN A 139 4.12 -11.06 -40.25
C GLN A 139 2.94 -11.99 -39.97
N THR A 140 3.09 -13.29 -40.25
CA THR A 140 1.96 -14.24 -40.07
C THR A 140 1.62 -14.29 -38.57
N LEU A 141 2.64 -14.19 -37.71
CA LEU A 141 2.38 -14.16 -36.24
C LEU A 141 1.70 -12.83 -35.90
N LEU A 142 2.15 -11.74 -36.51
CA LEU A 142 1.48 -10.42 -36.29
C LEU A 142 0.03 -10.56 -36.76
N ASP A 143 -0.18 -11.14 -37.94
CA ASP A 143 -1.57 -11.36 -38.44
C ASP A 143 -2.32 -12.24 -37.44
N MET A 144 -1.69 -13.33 -36.98
CA MET A 144 -2.33 -14.26 -36.01
C MET A 144 -2.79 -13.45 -34.79
N ILE A 145 -1.88 -12.76 -34.10
CA ILE A 145 -2.25 -12.04 -32.85
C ILE A 145 -3.23 -10.91 -33.20
N ALA A 146 -3.07 -10.27 -34.36
CA ALA A 146 -3.99 -9.19 -34.78
C ALA A 146 -5.42 -9.73 -34.81
N ARG A 147 -5.61 -10.91 -35.43
CA ARG A 147 -6.95 -11.53 -35.46
C ARG A 147 -7.36 -11.86 -34.02
N GLU A 148 -6.43 -12.38 -33.22
CA GLU A 148 -6.72 -12.69 -31.80
C GLU A 148 -7.17 -11.41 -31.09
N ARG A 149 -6.51 -10.29 -31.39
CA ARG A 149 -6.92 -8.98 -30.80
C ARG A 149 -8.37 -8.68 -31.20
N LYS A 150 -8.70 -8.85 -32.48
CA LYS A 150 -10.08 -8.58 -32.96
C LYS A 150 -11.02 -9.65 -32.40
N GLY A 151 -10.48 -10.71 -31.81
CA GLY A 151 -11.30 -11.81 -31.27
C GLY A 151 -11.42 -12.96 -32.26
N GLU A 152 -11.01 -12.74 -33.51
CA GLU A 152 -11.05 -13.82 -34.53
C GLU A 152 -10.35 -15.06 -33.97
N VAL A 153 -11.10 -16.15 -33.78
CA VAL A 153 -10.53 -17.41 -33.23
C VAL A 153 -9.35 -17.83 -34.12
N VAL A 154 -8.13 -17.81 -33.56
CA VAL A 154 -6.91 -18.24 -34.33
C VAL A 154 -6.27 -19.42 -33.61
N ASP A 155 -5.40 -20.16 -34.31
CA ASP A 155 -4.70 -21.30 -33.66
C ASP A 155 -3.60 -20.75 -32.75
N ARG A 156 -3.94 -20.45 -31.50
CA ARG A 156 -2.95 -19.88 -30.54
C ARG A 156 -1.80 -20.89 -30.39
N GLY A 157 -2.08 -22.18 -30.54
CA GLY A 157 -1.02 -23.20 -30.46
C GLY A 157 0.09 -22.92 -31.46
N ALA A 158 -0.27 -22.61 -32.70
CA ALA A 158 0.75 -22.31 -33.74
C ALA A 158 1.55 -21.07 -33.34
N ILE A 159 0.86 -20.01 -32.90
CA ILE A 159 1.55 -18.77 -32.45
C ILE A 159 2.50 -19.15 -31.31
N ARG A 160 2.02 -19.94 -30.35
CA ARG A 160 2.85 -20.35 -29.19
C ARG A 160 4.04 -21.17 -29.69
N ASN A 161 3.78 -22.17 -30.54
CA ASN A 161 4.87 -22.99 -31.11
C ASN A 161 5.88 -22.07 -31.80
N ALA A 162 5.40 -21.17 -32.66
CA ALA A 162 6.30 -20.26 -33.41
C ALA A 162 7.20 -19.49 -32.43
N CYS A 163 6.61 -18.74 -31.49
CA CYS A 163 7.40 -17.92 -30.54
C CYS A 163 8.32 -18.84 -29.73
N GLN A 164 7.81 -19.99 -29.28
CA GLN A 164 8.64 -20.95 -28.50
C GLN A 164 9.82 -21.42 -29.36
N MET A 165 9.56 -21.76 -30.63
CA MET A 165 10.64 -22.20 -31.54
C MET A 165 11.73 -21.12 -31.59
N LEU A 166 11.33 -19.85 -31.70
CA LEU A 166 12.30 -18.73 -31.75
C LEU A 166 13.12 -18.73 -30.46
N MET A 167 12.47 -18.96 -29.32
CA MET A 167 13.18 -18.99 -28.01
C MET A 167 14.24 -20.10 -28.06
N ILE A 168 13.87 -21.28 -28.55
CA ILE A 168 14.82 -22.43 -28.62
C ILE A 168 15.99 -22.05 -29.53
N LEU A 169 15.70 -21.43 -30.69
CA LEU A 169 16.79 -20.98 -31.60
C LEU A 169 17.66 -19.98 -30.85
N GLY A 170 17.05 -19.09 -30.06
CA GLY A 170 17.83 -18.11 -29.26
C GLY A 170 18.78 -18.82 -28.31
N LEU A 171 18.46 -20.06 -27.92
CA LEU A 171 19.35 -20.85 -27.02
C LEU A 171 19.50 -20.11 -25.70
N GLU A 172 20.75 -19.82 -25.30
CA GLU A 172 21.00 -19.14 -24.00
C GLU A 172 20.25 -17.80 -23.97
N GLY A 173 20.32 -17.04 -25.06
CA GLY A 173 19.65 -15.73 -25.13
C GLY A 173 18.26 -15.83 -25.75
N ARG A 174 17.57 -14.70 -25.89
CA ARG A 174 16.24 -14.69 -26.55
C ARG A 174 16.26 -13.66 -27.68
N SER A 175 17.45 -13.15 -28.02
CA SER A 175 17.57 -12.09 -29.06
C SER A 175 16.82 -12.50 -30.33
N VAL A 176 16.91 -13.79 -30.69
CA VAL A 176 16.22 -14.28 -31.92
C VAL A 176 14.76 -13.83 -31.86
N TYR A 177 13.99 -14.31 -30.88
CA TYR A 177 12.56 -13.93 -30.76
C TYR A 177 12.43 -12.41 -30.68
N GLU A 178 13.24 -11.76 -29.83
CA GLU A 178 13.17 -10.29 -29.66
C GLU A 178 13.27 -9.61 -31.03
N GLU A 179 14.22 -10.03 -31.86
CA GLU A 179 14.43 -9.39 -33.18
C GLU A 179 13.54 -10.02 -34.25
N ASP A 180 12.68 -10.97 -33.85
CA ASP A 180 11.82 -11.67 -34.83
C ASP A 180 10.36 -11.22 -34.67
N PHE A 181 9.71 -11.59 -33.57
CA PHE A 181 8.27 -11.26 -33.41
C PHE A 181 8.05 -10.40 -32.17
N GLU A 182 8.92 -10.51 -31.17
CA GLU A 182 8.71 -9.76 -29.89
C GLU A 182 8.54 -8.27 -30.18
N ALA A 183 9.54 -7.63 -30.78
CA ALA A 183 9.48 -6.17 -31.02
C ALA A 183 8.28 -5.82 -31.93
N PRO A 184 8.08 -6.49 -33.09
CA PRO A 184 6.90 -6.22 -33.93
C PRO A 184 5.61 -6.30 -33.11
N PHE A 185 5.44 -7.39 -32.33
CA PHE A 185 4.19 -7.54 -31.55
C PHE A 185 3.97 -6.31 -30.68
N LEU A 186 5.01 -5.88 -29.95
CA LEU A 186 4.85 -4.75 -28.99
C LEU A 186 4.35 -3.50 -29.74
N GLU A 187 4.97 -3.14 -30.86
CA GLU A 187 4.58 -1.89 -31.57
C GLU A 187 3.19 -2.08 -32.21
N MET A 188 2.90 -3.28 -32.70
CA MET A 188 1.58 -3.57 -33.32
C MET A 188 0.50 -3.47 -32.24
N SER A 189 0.75 -4.08 -31.08
CA SER A 189 -0.22 -4.00 -29.96
C SER A 189 -0.36 -2.55 -29.50
N ALA A 190 0.75 -1.79 -29.49
CA ALA A 190 0.71 -0.39 -29.02
C ALA A 190 -0.32 0.41 -29.83
N GLU A 191 -0.22 0.37 -31.15
CA GLU A 191 -1.17 1.13 -32.02
C GLU A 191 -2.56 0.52 -31.86
N PHE A 192 -2.64 -0.79 -31.60
CA PHE A 192 -3.95 -1.46 -31.39
C PHE A 192 -4.68 -0.79 -30.22
N PHE A 193 -3.98 -0.56 -29.11
CA PHE A 193 -4.61 0.09 -27.92
C PHE A 193 -4.92 1.55 -28.25
N GLN A 194 -3.99 2.24 -28.89
CA GLN A 194 -4.18 3.68 -29.22
C GLN A 194 -5.44 3.84 -30.07
N MET A 195 -5.63 2.95 -31.05
CA MET A 195 -6.87 2.98 -31.87
C MET A 195 -8.06 2.71 -30.96
N GLU A 196 -7.95 1.73 -30.07
CA GLU A 196 -9.05 1.40 -29.13
C GLU A 196 -9.38 2.63 -28.28
N SER A 197 -8.34 3.30 -27.75
CA SER A 197 -8.55 4.50 -26.91
C SER A 197 -9.16 5.62 -27.76
N GLN A 198 -8.71 5.75 -29.01
CA GLN A 198 -9.28 6.78 -29.93
C GLN A 198 -10.75 6.44 -30.19
N LYS A 199 -11.07 5.16 -30.39
CA LYS A 199 -12.48 4.74 -30.59
C LYS A 199 -13.27 5.09 -29.32
N PHE A 200 -12.66 4.87 -28.15
CA PHE A 200 -13.32 5.21 -26.86
C PHE A 200 -13.58 6.70 -26.78
N LEU A 201 -12.62 7.51 -27.27
CA LEU A 201 -12.76 8.99 -27.22
C LEU A 201 -14.08 9.41 -27.88
N ALA A 202 -14.69 8.52 -28.66
CA ALA A 202 -15.98 8.86 -29.27
C ALA A 202 -17.13 8.67 -28.30
N GLU A 203 -16.98 7.75 -27.34
CA GLU A 203 -18.07 7.50 -26.40
C GLU A 203 -18.24 8.66 -25.42
N ASN A 204 -17.13 9.21 -24.93
CA ASN A 204 -17.16 10.30 -23.95
C ASN A 204 -17.97 9.94 -22.72
N SER A 205 -17.75 8.74 -22.20
CA SER A 205 -18.36 8.29 -20.95
C SER A 205 -17.29 7.58 -20.12
N ALA A 206 -17.11 8.02 -18.88
CA ALA A 206 -15.98 7.57 -18.09
C ALA A 206 -16.14 6.12 -17.64
N SER A 207 -17.34 5.78 -17.15
CA SER A 207 -17.54 4.49 -16.50
C SER A 207 -17.30 3.33 -17.45
N VAL A 208 -17.97 3.36 -18.61
CA VAL A 208 -17.83 2.29 -19.58
C VAL A 208 -16.42 2.25 -20.14
N TYR A 209 -15.80 3.42 -20.32
CA TYR A 209 -14.40 3.49 -20.74
C TYR A 209 -13.51 2.71 -19.78
N ILE A 210 -13.62 2.99 -18.49
CA ILE A 210 -12.75 2.34 -17.51
C ILE A 210 -13.04 0.85 -17.46
N LYS A 211 -14.33 0.49 -17.48
CA LYS A 211 -14.70 -0.94 -17.37
C LYS A 211 -14.07 -1.73 -18.52
N LYS A 212 -14.35 -1.32 -19.77
CA LYS A 212 -13.84 -2.07 -20.94
C LYS A 212 -12.31 -1.98 -20.99
N VAL A 213 -11.74 -0.84 -20.57
CA VAL A 213 -10.25 -0.71 -20.52
C VAL A 213 -9.70 -1.80 -19.59
N GLU A 214 -10.29 -1.96 -18.41
CA GLU A 214 -9.85 -3.03 -17.47
C GLU A 214 -10.00 -4.38 -18.17
N ALA A 215 -11.13 -4.59 -18.86
CA ALA A 215 -11.34 -5.86 -19.60
C ALA A 215 -10.25 -6.00 -20.67
N ARG A 216 -9.93 -4.91 -21.37
CA ARG A 216 -8.87 -4.95 -22.41
C ARG A 216 -7.56 -5.42 -21.78
N ILE A 217 -7.22 -4.86 -20.61
CA ILE A 217 -5.95 -5.23 -19.91
C ILE A 217 -5.96 -6.76 -19.72
N ASN A 218 -7.02 -7.30 -19.12
CA ASN A 218 -7.10 -8.76 -18.88
C ASN A 218 -7.03 -9.52 -20.21
N GLU A 219 -7.89 -9.18 -21.16
CA GLU A 219 -7.93 -9.91 -22.45
C GLU A 219 -6.56 -9.84 -23.15
N GLU A 220 -6.01 -8.63 -23.28
CA GLU A 220 -4.71 -8.48 -24.01
C GLU A 220 -3.61 -9.27 -23.29
N ILE A 221 -3.51 -9.12 -21.97
CA ILE A 221 -2.41 -9.80 -21.22
C ILE A 221 -2.57 -11.31 -21.39
N GLU A 222 -3.82 -11.79 -21.46
CA GLU A 222 -4.06 -13.24 -21.68
C GLU A 222 -3.48 -13.65 -23.04
N ARG A 223 -3.92 -12.96 -24.10
CA ARG A 223 -3.43 -13.29 -25.47
C ARG A 223 -1.92 -13.49 -25.41
N VAL A 224 -1.25 -12.79 -24.50
CA VAL A 224 0.24 -12.86 -24.42
C VAL A 224 0.65 -14.10 -23.60
N MET A 225 0.28 -14.15 -22.32
CA MET A 225 0.76 -15.26 -21.46
C MET A 225 0.39 -16.61 -22.08
N HIS A 226 -0.53 -16.61 -23.05
CA HIS A 226 -0.98 -17.89 -23.67
C HIS A 226 -0.05 -18.25 -24.83
N CYS A 227 0.00 -17.42 -25.88
CA CYS A 227 0.82 -17.78 -27.07
C CYS A 227 2.02 -16.85 -27.23
N LEU A 228 2.08 -15.76 -26.45
CA LEU A 228 3.19 -14.78 -26.56
C LEU A 228 4.01 -14.81 -25.27
N ASP A 229 3.82 -15.83 -24.42
CA ASP A 229 4.62 -16.03 -23.18
C ASP A 229 4.65 -14.80 -22.25
N LYS A 230 5.75 -14.60 -21.53
CA LYS A 230 5.86 -13.54 -20.49
C LYS A 230 6.88 -12.49 -20.96
N SER A 231 7.86 -12.90 -21.77
CA SER A 231 8.89 -11.96 -22.28
C SER A 231 8.22 -10.77 -22.96
N THR A 232 7.07 -10.99 -23.61
CA THR A 232 6.35 -9.88 -24.28
C THR A 232 5.23 -9.36 -23.37
N GLU A 233 4.87 -10.13 -22.34
CA GLU A 233 3.76 -9.73 -21.43
C GLU A 233 4.18 -8.51 -20.59
N GLU A 234 5.36 -8.57 -19.96
CA GLU A 234 5.81 -7.47 -19.07
C GLU A 234 5.75 -6.14 -19.84
N PRO A 235 6.42 -5.99 -21.01
CA PRO A 235 6.34 -4.75 -21.79
C PRO A 235 4.88 -4.36 -22.06
N ILE A 236 4.02 -5.33 -22.38
CA ILE A 236 2.59 -5.04 -22.65
C ILE A 236 1.99 -4.35 -21.42
N VAL A 237 2.10 -4.97 -20.25
CA VAL A 237 1.56 -4.36 -18.99
C VAL A 237 1.93 -2.87 -18.99
N LYS A 238 3.11 -2.54 -19.51
CA LYS A 238 3.58 -1.13 -19.53
C LYS A 238 3.00 -0.42 -20.76
N VAL A 239 3.10 -1.06 -21.93
CA VAL A 239 2.62 -0.43 -23.20
C VAL A 239 1.12 -0.13 -23.10
N VAL A 240 0.30 -1.16 -22.89
CA VAL A 240 -1.19 -0.95 -22.87
C VAL A 240 -1.54 0.13 -21.85
N GLU A 241 -0.88 0.13 -20.69
CA GLU A 241 -1.24 1.11 -19.62
C GLU A 241 -1.04 2.53 -20.16
N ARG A 242 0.00 2.75 -20.97
CA ARG A 242 0.29 4.11 -21.48
C ARG A 242 -0.57 4.39 -22.72
N GLU A 243 -0.49 3.53 -23.74
CA GLU A 243 -1.22 3.77 -25.02
C GLU A 243 -2.73 3.84 -24.79
N LEU A 244 -3.21 3.49 -23.60
CA LEU A 244 -4.68 3.43 -23.38
C LEU A 244 -5.10 4.42 -22.29
N ILE A 245 -4.22 4.68 -21.30
CA ILE A 245 -4.62 5.55 -20.16
C ILE A 245 -3.69 6.77 -20.07
N SER A 246 -2.37 6.56 -20.04
CA SER A 246 -1.45 7.71 -19.87
C SER A 246 -1.86 8.86 -20.78
N LYS A 247 -2.25 8.54 -22.02
CA LYS A 247 -2.63 9.59 -23.01
C LYS A 247 -3.85 10.35 -22.48
N HIS A 248 -4.71 9.69 -21.71
CA HIS A 248 -5.96 10.32 -21.19
C HIS A 248 -5.89 10.41 -19.67
N MET A 249 -4.68 10.58 -19.13
CA MET A 249 -4.50 10.61 -17.65
C MET A 249 -5.49 11.61 -17.04
N LYS A 250 -5.62 12.79 -17.64
CA LYS A 250 -6.57 13.82 -17.14
C LYS A 250 -7.86 13.75 -17.97
N THR A 251 -7.78 13.26 -19.21
CA THR A 251 -8.98 13.21 -20.09
C THR A 251 -10.06 12.35 -19.42
N ILE A 252 -9.70 11.14 -18.97
CA ILE A 252 -10.69 10.22 -18.34
C ILE A 252 -11.26 10.92 -17.09
N VAL A 253 -10.42 11.66 -16.36
CA VAL A 253 -10.88 12.37 -15.13
C VAL A 253 -12.06 13.26 -15.49
N GLU A 254 -12.01 13.92 -16.66
CA GLU A 254 -13.14 14.77 -17.11
C GLU A 254 -13.74 14.19 -18.40
N MET A 255 -14.30 12.98 -18.32
CA MET A 255 -14.91 12.32 -19.51
C MET A 255 -15.88 11.23 -19.04
N SER A 258 -19.25 10.27 -18.01
CA SER A 258 -19.21 10.47 -16.54
C SER A 258 -18.05 11.40 -16.17
N GLY A 259 -17.15 10.96 -15.29
CA GLY A 259 -16.00 11.80 -14.88
C GLY A 259 -15.86 11.83 -13.37
N LEU A 260 -14.68 12.22 -12.87
CA LEU A 260 -14.44 12.28 -11.41
C LEU A 260 -15.45 13.22 -10.76
N VAL A 261 -15.55 14.44 -11.26
CA VAL A 261 -16.50 15.45 -10.69
C VAL A 261 -17.92 14.92 -10.83
N HIS A 262 -18.24 14.27 -11.95
CA HIS A 262 -19.58 13.64 -12.13
C HIS A 262 -19.78 12.64 -10.98
N MET A 263 -18.76 11.81 -10.72
CA MET A 263 -18.84 10.82 -9.63
C MET A 263 -18.95 11.57 -8.29
N LEU A 264 -18.19 12.66 -8.13
CA LEU A 264 -18.24 13.46 -6.88
C LEU A 264 -19.65 14.02 -6.68
N LYS A 265 -20.27 14.53 -7.75
CA LYS A 265 -21.63 15.12 -7.65
C LYS A 265 -22.64 14.04 -7.28
N ASN A 266 -22.57 12.87 -7.92
CA ASN A 266 -23.59 11.81 -7.68
C ASN A 266 -23.09 10.82 -6.61
N GLY A 267 -21.97 11.15 -5.96
CA GLY A 267 -21.42 10.24 -4.93
C GLY A 267 -21.24 8.83 -5.49
N LYS A 268 -20.78 8.72 -6.74
CA LYS A 268 -20.61 7.39 -7.38
C LYS A 268 -19.33 6.74 -6.86
N THR A 269 -19.36 6.24 -5.62
CA THR A 269 -18.15 5.64 -5.01
C THR A 269 -17.71 4.41 -5.83
N GLU A 270 -18.66 3.60 -6.29
CA GLU A 270 -18.33 2.38 -7.06
C GLU A 270 -17.58 2.78 -8.34
N ASP A 271 -18.10 3.79 -9.07
CA ASP A 271 -17.46 4.25 -10.33
C ASP A 271 -16.12 4.92 -9.99
N LEU A 272 -16.09 5.70 -8.90
CA LEU A 272 -14.83 6.36 -8.48
C LEU A 272 -13.81 5.28 -8.12
N GLY A 273 -14.25 4.23 -7.40
CA GLY A 273 -13.34 3.12 -7.06
C GLY A 273 -12.65 2.57 -8.29
N CYS A 274 -13.41 2.36 -9.37
CA CYS A 274 -12.82 1.84 -10.63
C CYS A 274 -11.83 2.88 -11.19
N MET A 275 -12.22 4.15 -11.20
CA MET A 275 -11.32 5.23 -11.70
C MET A 275 -10.10 5.31 -10.77
N TYR A 276 -10.32 5.18 -9.46
CA TYR A 276 -9.19 5.22 -8.49
C TYR A 276 -8.19 4.12 -8.88
N LYS A 277 -8.68 2.88 -9.03
CA LYS A 277 -7.80 1.74 -9.40
C LYS A 277 -7.17 2.02 -10.77
N LEU A 278 -7.97 2.54 -11.72
CA LEU A 278 -7.47 2.79 -13.10
C LEU A 278 -6.24 3.69 -13.02
N PHE A 279 -6.28 4.70 -12.15
CA PHE A 279 -5.16 5.68 -12.07
C PHE A 279 -4.19 5.29 -10.94
N SER A 280 -4.56 4.31 -10.11
CA SER A 280 -3.64 3.83 -9.06
C SER A 280 -2.44 3.16 -9.72
N ARG A 281 -2.68 2.45 -10.83
CA ARG A 281 -1.58 1.74 -11.55
C ARG A 281 -0.91 2.71 -12.53
N VAL A 282 -1.37 3.96 -12.57
CA VAL A 282 -0.79 4.97 -13.51
C VAL A 282 0.12 5.92 -12.73
N PRO A 283 1.39 6.11 -13.12
CA PRO A 283 2.27 7.08 -12.45
C PRO A 283 1.61 8.47 -12.46
N ASN A 284 1.41 9.06 -11.28
CA ASN A 284 0.77 10.41 -11.17
C ASN A 284 -0.70 10.32 -11.58
N GLY A 285 -1.22 9.10 -11.78
CA GLY A 285 -2.65 8.94 -12.11
C GLY A 285 -3.51 9.40 -10.96
N LEU A 286 -3.17 8.99 -9.73
CA LEU A 286 -3.92 9.48 -8.54
C LEU A 286 -3.67 10.97 -8.39
N LYS A 287 -2.42 11.42 -8.64
CA LYS A 287 -2.09 12.86 -8.52
C LYS A 287 -3.11 13.68 -9.32
N THR A 288 -3.27 13.39 -10.61
CA THR A 288 -4.18 14.22 -11.45
C THR A 288 -5.61 14.09 -10.90
N MET A 289 -6.00 12.89 -10.46
CA MET A 289 -7.34 12.70 -9.85
C MET A 289 -7.42 13.55 -8.57
N CYS A 290 -6.39 13.49 -7.73
CA CYS A 290 -6.39 14.24 -6.44
C CYS A 290 -6.50 15.74 -6.72
N GLU A 291 -5.70 16.27 -7.65
CA GLU A 291 -5.70 17.74 -7.89
C GLU A 291 -7.06 18.17 -8.46
N CYS A 292 -7.65 17.35 -9.34
CA CYS A 292 -8.99 17.66 -9.89
C CYS A 292 -10.02 17.58 -8.75
N MET A 293 -9.92 16.56 -7.89
CA MET A 293 -10.85 16.44 -6.74
C MET A 293 -10.64 17.66 -5.82
N SER A 294 -9.38 17.96 -5.48
CA SER A 294 -9.09 19.12 -4.61
C SER A 294 -9.66 20.39 -5.25
N SER A 295 -9.47 20.55 -6.56
CA SER A 295 -10.07 21.72 -7.26
C SER A 295 -11.56 21.82 -6.91
N TYR A 296 -12.29 20.72 -7.03
CA TYR A 296 -13.75 20.72 -6.72
C TYR A 296 -13.97 20.97 -5.23
N LEU A 297 -13.28 20.19 -4.38
CA LEU A 297 -13.44 20.35 -2.91
C LEU A 297 -13.18 21.83 -2.57
N ARG A 298 -12.12 22.42 -3.15
CA ARG A 298 -11.86 23.86 -2.93
C ARG A 298 -13.12 24.65 -3.28
N GLU A 299 -13.68 24.43 -4.47
CA GLU A 299 -14.84 25.21 -4.90
C GLU A 299 -16.00 25.02 -3.92
N GLN A 300 -16.31 23.76 -3.59
CA GLN A 300 -17.48 23.50 -2.77
C GLN A 300 -17.31 24.06 -1.37
N GLY A 301 -16.14 23.86 -0.78
CA GLY A 301 -15.89 24.36 0.56
C GLY A 301 -15.87 25.87 0.63
N LYS A 302 -15.29 26.51 -0.39
CA LYS A 302 -15.32 27.97 -0.44
C LYS A 302 -16.74 28.48 -0.54
N ALA A 303 -17.57 27.77 -1.30
CA ALA A 303 -19.01 28.14 -1.39
C ALA A 303 -19.62 28.05 0.01
N LEU A 304 -19.33 26.97 0.74
CA LEU A 304 -19.86 26.81 2.12
C LEU A 304 -19.29 27.91 3.03
N VAL A 305 -17.99 28.18 2.92
CA VAL A 305 -17.33 29.21 3.78
C VAL A 305 -17.92 30.58 3.44
N SER A 306 -18.11 30.87 2.14
CA SER A 306 -18.65 32.19 1.72
C SER A 306 -19.95 32.47 2.49
N GLU A 307 -19.98 33.58 3.24
CA GLU A 307 -21.19 33.94 4.03
C GLU A 307 -22.30 34.40 3.09
N GLU A 308 -23.56 34.25 3.51
CA GLU A 308 -24.71 34.60 2.61
C GLU A 308 -25.22 36.00 2.92
N GLY A 309 -25.77 36.22 4.12
CA GLY A 309 -26.34 37.51 4.46
C GLY A 309 -25.34 38.64 4.39
N GLY A 311 -23.38 36.70 6.31
CA GLY A 311 -23.45 35.99 7.59
C GLY A 311 -24.38 34.79 7.50
N LYS A 312 -23.97 33.64 8.07
CA LYS A 312 -24.82 32.43 8.07
C LYS A 312 -24.81 31.81 9.47
N ASN A 313 -25.81 30.98 9.78
CA ASN A 313 -25.89 30.34 11.12
C ASN A 313 -24.55 29.65 11.43
N PRO A 314 -23.86 30.01 12.52
CA PRO A 314 -22.62 29.33 12.91
C PRO A 314 -22.84 27.81 12.94
N VAL A 315 -23.94 27.38 13.56
CA VAL A 315 -24.26 25.93 13.65
C VAL A 315 -24.31 25.36 12.22
N ASP A 316 -25.10 25.98 11.34
CA ASP A 316 -25.25 25.48 9.95
C ASP A 316 -23.90 25.53 9.25
N TYR A 317 -23.16 26.64 9.42
CA TYR A 317 -21.84 26.79 8.75
C TYR A 317 -20.95 25.60 9.13
N ILE A 318 -20.79 25.35 10.44
CA ILE A 318 -19.90 24.25 10.90
C ILE A 318 -20.48 22.92 10.42
N GLN A 319 -21.78 22.70 10.61
CA GLN A 319 -22.40 21.40 10.25
C GLN A 319 -22.22 21.17 8.74
N GLY A 320 -22.39 22.23 7.93
CA GLY A 320 -22.17 22.09 6.48
C GLY A 320 -20.77 21.58 6.19
N LEU A 321 -19.76 22.17 6.84
CA LEU A 321 -18.35 21.73 6.66
C LEU A 321 -18.20 20.30 7.19
N LEU A 322 -18.84 19.99 8.32
CA LEU A 322 -18.77 18.61 8.87
C LEU A 322 -19.37 17.64 7.86
N ASP A 323 -20.51 18.00 7.26
CA ASP A 323 -21.16 17.13 6.24
C ASP A 323 -20.22 17.00 5.04
N LEU A 324 -19.59 18.11 4.63
CA LEU A 324 -18.65 18.08 3.49
C LEU A 324 -17.52 17.11 3.80
N LYS A 325 -16.99 17.17 5.03
CA LYS A 325 -15.88 16.26 5.43
C LYS A 325 -16.37 14.81 5.36
N SER A 326 -17.52 14.52 5.95
CA SER A 326 -18.04 13.13 5.99
C SER A 326 -18.11 12.53 4.58
N ARG A 327 -18.61 13.31 3.61
CA ARG A 327 -18.79 12.79 2.23
C ARG A 327 -17.43 12.32 1.68
N PHE A 328 -16.42 13.18 1.74
CA PHE A 328 -15.08 12.84 1.16
C PHE A 328 -14.42 11.77 2.03
N ASP A 329 -14.71 11.75 3.33
CA ASP A 329 -14.16 10.70 4.23
C ASP A 329 -14.66 9.33 3.75
N ARG A 330 -15.97 9.22 3.49
CA ARG A 330 -16.54 7.95 2.97
C ARG A 330 -15.90 7.64 1.61
N PHE A 331 -15.73 8.66 0.77
CA PHE A 331 -15.10 8.46 -0.56
C PHE A 331 -13.69 7.87 -0.38
N LEU A 332 -12.91 8.45 0.54
CA LEU A 332 -11.54 7.91 0.79
C LEU A 332 -11.66 6.49 1.36
N LEU A 333 -12.57 6.29 2.30
CA LEU A 333 -12.74 4.95 2.95
C LEU A 333 -13.00 3.90 1.87
N GLU A 334 -13.82 4.23 0.87
CA GLU A 334 -14.20 3.23 -0.16
C GLU A 334 -13.46 3.50 -1.47
N SER A 335 -13.82 4.58 -2.17
CA SER A 335 -13.21 4.86 -3.50
C SER A 335 -11.69 4.99 -3.40
N PHE A 336 -11.19 5.80 -2.47
CA PHE A 336 -9.71 6.06 -2.43
C PHE A 336 -9.00 5.08 -1.50
N ASN A 337 -9.70 4.04 -1.02
CA ASN A 337 -9.05 3.00 -0.19
C ASN A 337 -8.05 3.64 0.77
N ASN A 338 -8.50 4.56 1.63
CA ASN A 338 -7.63 5.19 2.63
C ASN A 338 -6.24 5.51 2.08
N ASP A 339 -6.22 6.10 0.89
CA ASP A 339 -4.95 6.51 0.31
C ASP A 339 -4.36 7.68 1.09
N ARG A 340 -3.09 7.55 1.44
CA ARG A 340 -2.46 8.58 2.27
C ARG A 340 -2.37 9.91 1.53
N LEU A 341 -2.06 9.85 0.23
CA LEU A 341 -2.01 11.09 -0.58
C LEU A 341 -3.40 11.74 -0.60
N PHE A 342 -4.44 10.95 -0.88
CA PHE A 342 -5.83 11.49 -0.92
C PHE A 342 -6.18 12.11 0.43
N LYS A 343 -5.82 11.43 1.53
CA LYS A 343 -6.07 11.98 2.89
C LYS A 343 -5.41 13.36 2.98
N GLN A 344 -4.09 13.41 2.76
CA GLN A 344 -3.37 14.68 2.81
C GLN A 344 -4.02 15.72 1.92
N THR A 345 -4.53 15.29 0.78
CA THR A 345 -5.20 16.24 -0.17
C THR A 345 -6.42 16.86 0.52
N ILE A 346 -7.35 16.01 1.00
CA ILE A 346 -8.59 16.52 1.65
C ILE A 346 -8.23 17.37 2.87
N ALA A 347 -7.27 16.90 3.67
CA ALA A 347 -6.90 17.63 4.91
C ALA A 347 -6.47 19.06 4.57
N GLY A 348 -5.53 19.20 3.63
CA GLY A 348 -5.06 20.53 3.22
C GLY A 348 -6.20 21.37 2.66
N ASP A 349 -7.08 20.74 1.90
CA ASP A 349 -8.23 21.46 1.29
C ASP A 349 -9.05 22.14 2.40
N PHE A 350 -9.38 21.40 3.45
CA PHE A 350 -10.21 21.95 4.55
C PHE A 350 -9.42 23.05 5.28
N GLU A 351 -8.14 22.81 5.57
CA GLU A 351 -7.29 23.82 6.25
C GLU A 351 -7.28 25.11 5.43
N TYR A 352 -7.49 24.99 4.11
CA TYR A 352 -7.42 26.19 3.21
C TYR A 352 -8.68 27.04 3.35
N PHE A 353 -9.83 26.55 2.84
CA PHE A 353 -11.05 27.40 2.82
C PHE A 353 -11.52 27.75 4.23
N LEU A 354 -11.26 26.89 5.22
CA LEU A 354 -11.78 27.13 6.59
C LEU A 354 -11.20 28.44 7.16
N ASN A 355 -9.88 28.63 7.04
CA ASN A 355 -9.22 29.82 7.65
C ASN A 355 -9.67 31.08 6.91
N LEU A 356 -9.98 30.98 5.61
CA LEU A 356 -10.48 32.14 4.83
C LEU A 356 -11.52 32.89 5.67
N ASN A 357 -12.28 32.17 6.49
CA ASN A 357 -13.30 32.81 7.37
C ASN A 357 -12.69 33.02 8.76
N SER A 358 -12.62 34.28 9.21
CA SER A 358 -12.06 34.59 10.56
C SER A 358 -13.13 34.34 11.61
N ARG A 359 -14.39 34.18 11.20
CA ARG A 359 -15.49 33.90 12.15
C ARG A 359 -15.62 32.40 12.36
N SER A 360 -14.79 31.62 11.67
CA SER A 360 -14.82 30.13 11.80
C SER A 360 -14.65 29.72 13.27
N PRO A 361 -13.66 30.23 14.04
CA PRO A 361 -13.53 29.90 15.47
C PRO A 361 -14.80 30.29 16.23
N GLU A 362 -15.30 31.50 16.01
CA GLU A 362 -16.54 31.98 16.69
C GLU A 362 -17.69 31.04 16.33
N TYR A 363 -17.81 30.68 15.05
CA TYR A 363 -18.92 29.81 14.58
C TYR A 363 -18.75 28.41 15.20
N LEU A 364 -17.50 27.92 15.26
CA LEU A 364 -17.23 26.58 15.83
C LEU A 364 -17.52 26.61 17.33
N SER A 365 -17.22 27.73 17.99
CA SER A 365 -17.43 27.86 19.45
C SER A 365 -18.91 27.60 19.79
N PHE A 367 -21.01 26.58 17.62
CA PHE A 367 -21.47 25.19 17.35
C PHE A 367 -21.24 24.32 18.59
N ILE A 368 -19.99 24.26 19.07
CA ILE A 368 -19.67 23.44 20.28
C ILE A 368 -20.55 23.92 21.44
N ASP A 369 -20.62 25.23 21.64
CA ASP A 369 -21.46 25.80 22.73
C ASP A 369 -22.91 25.36 22.54
N ASP A 370 -23.41 25.42 21.30
CA ASP A 370 -24.80 25.01 21.00
C ASP A 370 -24.99 23.53 21.40
N LYS A 371 -24.02 22.68 21.06
CA LYS A 371 -24.10 21.24 21.44
C LYS A 371 -24.08 21.15 22.97
N LEU A 372 -23.15 21.85 23.62
CA LEU A 372 -23.06 21.84 25.11
C LEU A 372 -24.34 22.44 25.69
N LYS A 373 -24.92 23.44 25.03
CA LYS A 373 -26.21 24.02 25.49
C LYS A 373 -27.36 23.10 25.03
N LYS A 374 -27.44 21.89 25.59
CA LYS A 374 -28.48 20.92 25.18
C LYS A 374 -28.50 20.82 23.65
N LEU A 379 -30.20 14.22 20.56
CA LEU A 379 -29.49 12.99 20.22
C LEU A 379 -28.89 12.34 21.47
N THR A 380 -28.47 11.09 21.32
CA THR A 380 -27.86 10.39 22.44
C THR A 380 -26.44 10.91 22.67
N GLU A 381 -25.88 10.54 23.84
CA GLU A 381 -24.56 11.03 24.21
C GLU A 381 -23.50 10.58 23.22
N GLN A 382 -23.65 9.35 22.69
CA GLN A 382 -22.68 8.86 21.71
C GLN A 382 -22.74 9.66 20.41
N GLU A 383 -23.95 9.93 19.91
CA GLU A 383 -24.09 10.71 18.70
C GLU A 383 -23.53 12.11 18.90
N VAL A 384 -23.84 12.72 20.04
CA VAL A 384 -23.31 14.04 20.35
C VAL A 384 -21.79 14.00 20.39
N GLU A 385 -21.24 12.94 21.01
CA GLU A 385 -19.76 12.80 21.11
C GLU A 385 -19.17 12.86 19.71
N THR A 386 -19.71 12.06 18.77
CA THR A 386 -19.18 12.04 17.38
C THR A 386 -19.29 13.43 16.78
N ILE A 387 -20.39 14.13 17.01
CA ILE A 387 -20.57 15.51 16.48
C ILE A 387 -19.44 16.39 17.01
N LEU A 388 -19.17 16.32 18.32
CA LEU A 388 -18.09 17.14 18.93
C LEU A 388 -16.75 16.73 18.30
N ASP A 389 -16.54 15.43 18.09
CA ASP A 389 -15.27 14.94 17.48
C ASP A 389 -15.11 15.55 16.09
N LYS A 390 -16.18 15.54 15.29
CA LYS A 390 -16.11 16.10 13.91
C LYS A 390 -15.73 17.58 14.00
N ALA A 391 -16.37 18.33 14.89
CA ALA A 391 -16.05 19.76 15.07
C ALA A 391 -14.58 19.91 15.49
N MET A 392 -14.10 18.98 16.31
CA MET A 392 -12.66 19.00 16.74
C MET A 392 -11.78 18.75 15.52
N VAL A 393 -12.15 17.79 14.68
CA VAL A 393 -11.38 17.53 13.42
C VAL A 393 -11.35 18.83 12.61
N LEU A 394 -12.47 19.57 12.59
CA LEU A 394 -12.53 20.86 11.86
C LEU A 394 -11.67 21.89 12.59
N PHE A 395 -11.73 21.90 13.92
CA PHE A 395 -10.88 22.82 14.72
C PHE A 395 -9.41 22.57 14.34
N ARG A 396 -9.07 21.31 14.10
CA ARG A 396 -7.67 20.96 13.74
C ARG A 396 -7.31 21.66 12.43
N PHE A 397 -8.24 21.68 11.46
CA PHE A 397 -7.98 22.38 10.18
C PHE A 397 -7.75 23.88 10.44
N MET A 398 -8.45 24.43 11.44
CA MET A 398 -8.31 25.88 11.74
C MET A 398 -6.93 26.17 12.33
N GLN A 399 -6.33 27.32 11.98
CA GLN A 399 -5.03 27.70 12.57
C GLN A 399 -5.28 28.67 13.73
N GLU A 400 -6.50 29.19 13.85
CA GLU A 400 -6.84 30.16 14.93
C GLU A 400 -7.23 29.40 16.20
N LYS A 401 -6.31 28.59 16.73
CA LYS A 401 -6.61 27.78 17.93
C LYS A 401 -6.93 28.72 19.10
N ASP A 402 -6.10 29.74 19.30
CA ASP A 402 -6.28 30.69 20.43
C ASP A 402 -7.66 31.36 20.32
N VAL A 403 -8.04 31.79 19.11
CA VAL A 403 -9.34 32.50 18.92
C VAL A 403 -10.48 31.58 19.37
N PHE A 404 -10.46 30.33 18.91
CA PHE A 404 -11.53 29.37 19.28
C PHE A 404 -11.56 29.19 20.80
N GLU A 405 -10.38 29.01 21.41
CA GLU A 405 -10.30 28.80 22.88
C GLU A 405 -10.96 29.99 23.59
N ARG A 406 -10.61 31.22 23.19
CA ARG A 406 -11.17 32.43 23.85
C ARG A 406 -12.69 32.43 23.67
N TYR A 407 -13.16 32.22 22.44
CA TYR A 407 -14.63 32.21 22.18
C TYR A 407 -15.28 31.11 23.03
N TYR A 408 -14.70 29.91 23.03
CA TYR A 408 -15.29 28.78 23.80
C TYR A 408 -15.28 29.10 25.29
N LYS A 409 -14.15 29.56 25.82
CA LYS A 409 -14.05 29.81 27.29
C LYS A 409 -15.10 30.85 27.68
N GLN A 410 -15.36 31.84 26.82
CA GLN A 410 -16.41 32.83 27.10
C GLN A 410 -17.75 32.09 27.20
N HIS A 411 -18.06 31.26 26.20
CA HIS A 411 -19.34 30.49 26.20
C HIS A 411 -19.34 29.53 27.39
N LEU A 412 -18.20 28.90 27.66
CA LEU A 412 -18.08 27.96 28.81
C LEU A 412 -18.43 28.73 30.10
N ALA A 413 -17.82 29.91 30.28
CA ALA A 413 -18.07 30.71 31.51
C ALA A 413 -19.56 31.00 31.64
N ARG A 414 -20.22 31.35 30.52
CA ARG A 414 -21.67 31.62 30.54
C ARG A 414 -22.40 30.36 31.05
N ARG A 415 -22.13 29.21 30.43
CA ARG A 415 -22.79 27.95 30.84
C ARG A 415 -22.46 27.66 32.31
N LEU A 416 -21.20 27.88 32.72
CA LEU A 416 -20.78 27.59 34.11
C LEU A 416 -21.53 28.51 35.08
N LEU A 417 -21.60 29.81 34.76
CA LEU A 417 -22.32 30.77 35.64
C LEU A 417 -23.81 30.41 35.69
N THR A 418 -24.39 30.05 34.53
CA THR A 418 -25.83 29.69 34.47
C THR A 418 -26.01 28.22 34.85
N ASN A 419 -24.91 27.50 35.10
CA ASN A 419 -24.97 26.07 35.50
C ASN A 419 -26.09 25.38 34.73
N LYS A 420 -26.11 25.51 33.40
CA LYS A 420 -27.19 24.91 32.58
C LYS A 420 -26.59 23.85 31.64
N SER A 421 -25.28 23.60 31.77
CA SER A 421 -24.61 22.58 30.92
C SER A 421 -25.25 21.21 31.12
N VAL A 422 -25.52 20.48 30.03
CA VAL A 422 -26.09 19.12 30.14
C VAL A 422 -25.40 18.41 31.32
N SER A 423 -24.06 18.43 31.34
CA SER A 423 -23.29 17.79 32.44
C SER A 423 -21.87 18.35 32.43
N ASP A 424 -21.31 18.62 33.62
CA ASP A 424 -19.90 19.08 33.68
C ASP A 424 -19.03 18.04 32.98
N ASP A 425 -19.40 16.76 33.08
CA ASP A 425 -18.61 15.68 32.43
C ASP A 425 -18.51 15.96 30.94
N SER A 426 -19.60 16.41 30.32
CA SER A 426 -19.57 16.77 28.88
C SER A 426 -18.52 17.87 28.67
N GLU A 427 -18.52 18.90 29.53
CA GLU A 427 -17.51 19.98 29.43
C GLU A 427 -16.12 19.36 29.65
N LYS A 428 -15.94 18.64 30.76
CA LYS A 428 -14.63 17.98 31.05
C LYS A 428 -14.13 17.29 29.78
N ASN A 429 -15.00 16.54 29.11
CA ASN A 429 -14.61 15.80 27.88
C ASN A 429 -14.10 16.80 26.84
N MET A 430 -14.87 17.86 26.59
CA MET A 430 -14.47 18.90 25.60
C MET A 430 -13.14 19.52 26.06
N ILE A 431 -13.03 19.84 27.35
CA ILE A 431 -11.77 20.45 27.89
C ILE A 431 -10.62 19.48 27.68
N SER A 432 -10.82 18.20 28.02
CA SER A 432 -9.77 17.17 27.83
C SER A 432 -9.36 17.14 26.34
N LYS A 433 -10.35 17.13 25.44
CA LYS A 433 -10.05 17.09 23.98
C LYS A 433 -9.29 18.36 23.60
N LEU A 434 -9.69 19.51 24.17
CA LEU A 434 -8.94 20.76 23.90
C LEU A 434 -7.49 20.58 24.36
N LYS A 435 -7.30 20.01 25.55
CA LYS A 435 -5.93 19.80 26.10
C LYS A 435 -5.11 18.98 25.10
N THR A 436 -5.71 17.94 24.53
CA THR A 436 -4.99 17.08 23.55
C THR A 436 -4.61 17.90 22.32
N GLU A 437 -5.47 18.84 21.90
CA GLU A 437 -5.21 19.61 20.66
C GLU A 437 -4.73 21.04 20.99
N CYS A 438 -4.31 21.28 22.23
CA CYS A 438 -3.85 22.64 22.63
C CYS A 438 -2.79 22.55 23.73
N GLY A 439 -2.49 23.69 24.38
CA GLY A 439 -1.49 23.75 25.47
C GLY A 439 -2.15 23.62 26.83
N CYS A 440 -1.38 23.23 27.85
CA CYS A 440 -1.92 23.09 29.23
C CYS A 440 -2.41 24.47 29.72
N GLN A 441 -1.82 25.55 29.20
CA GLN A 441 -2.24 26.92 29.58
C GLN A 441 -3.74 27.06 29.31
N PHE A 442 -4.16 26.78 28.08
CA PHE A 442 -5.60 26.87 27.72
C PHE A 442 -6.41 26.00 28.68
N THR A 443 -5.96 24.76 28.91
CA THR A 443 -6.70 23.82 29.80
C THR A 443 -6.78 24.41 31.21
N SER A 444 -5.68 24.95 31.72
CA SER A 444 -5.66 25.50 33.10
C SER A 444 -6.72 26.59 33.25
N LYS A 445 -6.86 27.45 32.23
CA LYS A 445 -7.92 28.49 32.26
C LYS A 445 -9.27 27.81 32.47
N LEU A 446 -9.61 26.84 31.61
CA LEU A 446 -10.91 26.13 31.71
C LEU A 446 -10.99 25.39 33.05
N GLU A 447 -9.90 24.71 33.43
CA GLU A 447 -9.87 23.96 34.71
C GLU A 447 -10.11 24.94 35.87
N GLY A 448 -9.44 26.09 35.83
CA GLY A 448 -9.61 27.11 36.89
C GLY A 448 -11.06 27.56 36.99
N MET A 449 -11.73 27.67 35.85
CA MET A 449 -13.18 28.06 35.84
C MET A 449 -13.97 27.01 36.64
N PHE A 450 -13.69 25.73 36.41
CA PHE A 450 -14.41 24.65 37.15
C PHE A 450 -14.07 24.75 38.65
N ARG A 451 -12.78 24.93 38.98
CA ARG A 451 -12.38 25.08 40.40
C ARG A 451 -13.18 26.23 41.02
N ASP A 452 -13.29 27.34 40.30
CA ASP A 452 -14.06 28.52 40.81
C ASP A 452 -15.47 28.07 41.19
N MET A 453 -16.12 27.31 40.31
CA MET A 453 -17.51 26.85 40.58
C MET A 453 -17.52 26.03 41.87
N SER A 454 -16.53 25.15 42.05
CA SER A 454 -16.44 24.33 43.28
C SER A 454 -16.35 25.26 44.51
N ILE A 455 -15.54 26.31 44.41
CA ILE A 455 -15.41 27.29 45.52
C ILE A 455 -16.76 28.02 45.70
N SER A 456 -17.32 28.53 44.59
CA SER A 456 -18.59 29.31 44.67
C SER A 456 -19.65 28.54 45.46
N ASN A 457 -19.90 27.26 45.09
CA ASN A 457 -20.97 26.49 45.77
C ASN A 457 -20.56 26.23 47.21
N THR A 458 -19.27 25.99 47.45
CA THR A 458 -18.77 25.78 48.83
C THR A 458 -18.95 27.06 49.65
N THR A 459 -18.40 28.18 49.15
CA THR A 459 -18.49 29.47 49.89
C THR A 459 -19.96 29.84 50.10
N MET A 460 -20.82 29.55 49.12
CA MET A 460 -22.25 29.93 49.23
C MET A 460 -22.87 29.22 50.44
N ASP A 461 -22.63 27.90 50.57
CA ASP A 461 -23.17 27.13 51.72
C ASP A 461 -22.49 27.63 53.00
N GLU A 462 -21.19 27.93 52.93
CA GLU A 462 -20.47 28.47 54.11
C GLU A 462 -21.17 29.74 54.60
N PHE A 463 -21.52 30.63 53.66
CA PHE A 463 -22.24 31.88 54.03
C PHE A 463 -23.60 31.53 54.65
N ARG A 464 -24.30 30.57 54.06
CA ARG A 464 -25.62 30.14 54.60
C ARG A 464 -25.42 29.58 56.02
N GLN A 465 -24.37 28.78 56.22
CA GLN A 465 -24.05 28.24 57.57
C GLN A 465 -23.76 29.43 58.50
N HIS A 466 -23.01 30.42 58.01
CA HIS A 466 -22.71 31.64 58.81
C HIS A 466 -24.04 32.29 59.21
N LEU A 467 -24.94 32.45 58.24
CA LEU A 467 -26.27 33.07 58.53
C LEU A 467 -26.95 32.26 59.65
N GLN A 468 -26.91 30.93 59.56
CA GLN A 468 -27.52 30.08 60.62
C GLN A 468 -26.78 30.30 61.94
N ALA A 469 -25.45 30.38 61.89
CA ALA A 469 -24.64 30.57 63.12
C ALA A 469 -24.98 31.92 63.75
N THR A 470 -25.12 32.97 62.94
CA THR A 470 -25.42 34.33 63.47
C THR A 470 -26.93 34.49 63.64
N GLY A 471 -27.70 33.49 63.19
CA GLY A 471 -29.18 33.56 63.31
C GLY A 471 -29.74 34.83 62.70
N ASP A 478 -33.23 36.51 48.55
CA ASP A 478 -32.33 35.36 48.84
C ASP A 478 -30.99 35.59 48.13
N LEU A 479 -30.07 36.30 48.80
CA LEU A 479 -28.74 36.61 48.18
C LEU A 479 -28.10 35.32 47.67
N THR A 480 -27.54 35.36 46.46
CA THR A 480 -26.84 34.17 45.88
C THR A 480 -25.53 34.64 45.24
N VAL A 481 -24.53 34.99 46.06
CA VAL A 481 -23.25 35.53 45.51
C VAL A 481 -22.48 34.43 44.77
N ARG A 482 -21.97 34.74 43.57
CA ARG A 482 -21.16 33.76 42.80
C ARG A 482 -19.74 34.32 42.66
N VAL A 483 -18.86 34.00 43.61
CA VAL A 483 -17.45 34.52 43.57
C VAL A 483 -16.79 34.08 42.26
N LEU A 484 -16.06 34.99 41.62
CA LEU A 484 -15.39 34.66 40.33
C LEU A 484 -13.87 34.79 40.48
N THR A 485 -13.13 33.75 40.11
CA THR A 485 -11.65 33.79 40.19
C THR A 485 -11.11 34.82 39.19
N THR A 486 -10.25 35.73 39.65
CA THR A 486 -9.66 36.76 38.76
C THR A 486 -8.88 36.07 37.62
N GLY A 487 -8.96 36.62 36.40
CA GLY A 487 -8.24 36.04 35.25
C GLY A 487 -9.05 34.95 34.57
N TYR A 488 -9.08 33.75 35.16
CA TYR A 488 -9.83 32.61 34.55
C TYR A 488 -11.12 33.11 33.91
N TRP A 489 -11.88 33.94 34.62
CA TRP A 489 -13.19 34.42 34.09
C TRP A 489 -13.05 35.82 33.50
N PRO A 490 -13.24 36.02 32.18
CA PRO A 490 -13.18 37.36 31.58
C PRO A 490 -14.36 38.23 32.03
N THR A 491 -14.09 39.49 32.37
CA THR A 491 -15.16 40.41 32.85
C THR A 491 -15.02 41.77 32.15
N GLN A 492 -16.11 42.54 32.08
CA GLN A 492 -16.06 43.89 31.47
C GLN A 492 -14.85 44.66 32.01
N SER A 493 -13.97 45.14 31.14
CA SER A 493 -12.81 45.90 31.59
C SER A 493 -13.17 46.85 32.71
N ALA A 494 -14.33 47.50 32.58
CA ALA A 494 -14.77 48.47 33.62
C ALA A 494 -16.18 48.10 34.10
N THR A 495 -16.29 47.57 35.32
CA THR A 495 -17.63 47.25 35.89
C THR A 495 -18.42 48.56 36.04
N PRO A 496 -19.68 48.63 35.55
CA PRO A 496 -20.46 49.87 35.60
C PRO A 496 -20.63 50.40 37.04
N LYS A 497 -20.49 49.52 38.03
CA LYS A 497 -20.63 49.94 39.47
C LYS A 497 -21.96 50.67 39.66
N CYS A 498 -23.07 50.03 39.25
CA CYS A 498 -24.42 50.65 39.43
C CYS A 498 -24.89 50.41 40.86
N ASN A 499 -25.88 51.18 41.31
CA ASN A 499 -26.44 51.00 42.69
C ASN A 499 -27.16 49.65 42.76
N ILE A 500 -27.19 49.02 43.94
CA ILE A 500 -27.88 47.71 44.11
C ILE A 500 -29.04 47.90 45.10
N PRO A 501 -30.24 47.32 44.85
CA PRO A 501 -31.35 47.40 45.80
C PRO A 501 -30.85 47.24 47.23
N PRO A 502 -31.31 48.05 48.21
CA PRO A 502 -30.78 48.01 49.58
C PRO A 502 -30.72 46.60 50.20
N ALA A 503 -31.84 45.87 50.19
CA ALA A 503 -31.87 44.55 50.85
C ALA A 503 -30.84 43.62 50.20
N PRO A 504 -30.85 43.39 48.87
CA PRO A 504 -29.81 42.57 48.21
C PRO A 504 -28.42 43.15 48.47
N ARG A 505 -28.26 44.47 48.37
CA ARG A 505 -26.94 45.12 48.59
C ARG A 505 -26.48 44.84 50.03
N HIS A 506 -27.33 45.12 51.02
CA HIS A 506 -26.97 44.84 52.43
C HIS A 506 -26.54 43.38 52.55
N ALA A 507 -27.33 42.47 51.99
CA ALA A 507 -27.00 41.03 52.07
C ALA A 507 -25.65 40.78 51.40
N PHE A 508 -25.39 41.42 50.25
CA PHE A 508 -24.10 41.25 49.55
C PHE A 508 -22.97 41.76 50.44
N GLU A 509 -23.20 42.87 51.15
CA GLU A 509 -22.17 43.39 52.09
C GLU A 509 -21.84 42.30 53.11
N ILE A 510 -22.86 41.56 53.56
CA ILE A 510 -22.63 40.47 54.56
C ILE A 510 -21.79 39.37 53.91
N PHE A 511 -22.11 38.97 52.69
CA PHE A 511 -21.29 37.96 51.97
C PHE A 511 -19.90 38.53 51.73
N ARG A 512 -19.83 39.82 51.38
CA ARG A 512 -18.51 40.48 51.13
C ARG A 512 -17.66 40.36 52.40
N ARG A 513 -18.21 40.78 53.56
CA ARG A 513 -17.45 40.72 54.83
C ARG A 513 -17.17 39.25 55.16
N PHE A 514 -18.11 38.36 54.83
CA PHE A 514 -17.90 36.91 55.03
C PHE A 514 -16.70 36.47 54.17
N TYR A 515 -16.73 36.81 52.88
CA TYR A 515 -15.64 36.38 51.97
C TYR A 515 -14.31 37.02 52.41
N LEU A 516 -14.35 38.28 52.83
CA LEU A 516 -13.12 38.96 53.30
C LEU A 516 -12.49 38.14 54.43
N ALA A 517 -13.31 37.70 55.40
CA ALA A 517 -12.80 36.89 56.52
C ALA A 517 -12.44 35.49 56.01
N LYS A 518 -13.33 34.87 55.21
CA LYS A 518 -13.09 33.49 54.71
C LYS A 518 -11.84 33.47 53.81
N HIS A 519 -11.75 34.44 52.89
CA HIS A 519 -10.60 34.50 51.94
C HIS A 519 -9.85 35.82 52.15
N SER A 520 -8.73 35.77 52.89
CA SER A 520 -7.93 37.00 53.14
C SER A 520 -7.21 37.43 51.85
N GLY A 521 -6.97 38.72 51.69
CA GLY A 521 -6.27 39.23 50.48
C GLY A 521 -7.08 38.99 49.22
N ARG A 522 -8.42 38.89 49.36
CA ARG A 522 -9.30 38.66 48.19
C ARG A 522 -10.54 39.55 48.32
N GLN A 523 -10.74 40.48 47.39
CA GLN A 523 -11.90 41.40 47.44
C GLN A 523 -13.10 40.75 46.75
N LEU A 524 -14.16 41.53 46.49
CA LEU A 524 -15.35 41.00 45.78
C LEU A 524 -15.84 42.04 44.77
N THR A 525 -15.18 42.14 43.61
CA THR A 525 -15.61 43.09 42.56
C THR A 525 -16.93 42.57 41.96
N LEU A 526 -18.06 43.09 42.46
CA LEU A 526 -19.39 42.57 42.01
C LEU A 526 -19.61 42.88 40.52
N GLN A 527 -19.82 41.85 39.70
CA GLN A 527 -20.15 42.07 38.27
C GLN A 527 -21.67 42.06 38.15
N HIS A 528 -22.36 42.97 38.85
CA HIS A 528 -23.85 43.00 38.85
C HIS A 528 -24.41 42.67 37.46
N HIS A 529 -23.82 43.26 36.41
CA HIS A 529 -24.28 43.00 35.02
C HIS A 529 -24.51 41.49 34.87
N MET A 530 -23.63 40.68 35.47
CA MET A 530 -23.79 39.20 35.41
C MET A 530 -24.73 38.75 36.54
N GLY A 531 -25.70 37.91 36.23
CA GLY A 531 -26.62 37.38 37.26
C GLY A 531 -28.00 38.03 37.19
N SER A 532 -29.04 37.29 37.60
CA SER A 532 -30.43 37.83 37.57
C SER A 532 -31.06 37.72 38.97
N ALA A 533 -32.39 37.78 39.04
CA ALA A 533 -33.09 37.65 40.34
C ALA A 533 -34.56 37.29 40.12
N ASP A 534 -35.24 36.82 41.17
CA ASP A 534 -36.69 36.50 41.08
C ASP A 534 -37.50 37.77 41.36
N LEU A 535 -37.24 38.84 40.59
CA LEU A 535 -37.93 40.13 40.81
C LEU A 535 -39.43 39.95 40.57
N ASN A 536 -40.28 40.53 41.43
CA ASN A 536 -41.74 40.48 41.20
C ASN A 536 -42.18 41.77 40.51
N ALA A 537 -43.41 41.80 39.96
CA ALA A 537 -43.92 43.03 39.32
C ALA A 537 -45.45 42.97 39.23
N THR A 538 -46.11 44.12 39.46
CA THR A 538 -47.59 44.17 39.41
C THR A 538 -48.07 43.70 38.03
N PHE A 539 -48.86 42.63 37.97
CA PHE A 539 -49.40 42.13 36.68
C PHE A 539 -50.83 41.66 36.87
N TYR A 540 -51.78 42.27 36.16
CA TYR A 540 -53.22 41.93 36.34
C TYR A 540 -53.82 41.58 34.97
N ARG A 564 -52.11 40.60 41.64
CA ARG A 564 -51.32 39.44 41.17
C ARG A 564 -49.91 39.90 40.77
N LYS A 565 -48.90 39.06 40.98
CA LYS A 565 -47.51 39.40 40.58
C LYS A 565 -46.98 38.31 39.65
N HIS A 566 -45.66 38.27 39.43
CA HIS A 566 -45.04 37.22 38.60
C HIS A 566 -43.58 37.08 39.01
N ILE A 567 -42.94 35.95 38.66
CA ILE A 567 -41.49 35.79 38.95
C ILE A 567 -40.72 36.21 37.70
N LEU A 568 -40.20 37.45 37.67
CA LEU A 568 -39.53 37.97 36.44
C LEU A 568 -38.01 37.82 36.59
N GLN A 569 -37.37 37.13 35.63
CA GLN A 569 -35.88 37.02 35.65
C GLN A 569 -35.31 38.21 34.88
N VAL A 570 -34.81 39.22 35.59
CA VAL A 570 -34.30 40.45 34.91
C VAL A 570 -32.84 40.69 35.34
N SER A 571 -32.06 41.36 34.50
CA SER A 571 -30.64 41.67 34.84
C SER A 571 -30.61 42.62 36.03
N THR A 572 -29.57 42.53 36.87
CA THR A 572 -29.42 43.44 38.02
C THR A 572 -29.76 44.87 37.58
N PHE A 573 -29.41 45.21 36.33
CA PHE A 573 -29.71 46.56 35.80
C PHE A 573 -31.23 46.77 35.76
N GLN A 574 -31.95 45.84 35.14
CA GLN A 574 -33.43 45.96 35.03
C GLN A 574 -34.05 45.92 36.44
N MET A 575 -33.39 45.24 37.38
CA MET A 575 -33.90 45.18 38.78
C MET A 575 -33.94 46.60 39.34
N THR A 576 -32.84 47.34 39.22
CA THR A 576 -32.78 48.72 39.77
C THR A 576 -33.79 49.61 39.05
N ILE A 577 -34.05 49.33 37.77
CA ILE A 577 -35.08 50.12 37.01
C ILE A 577 -36.43 49.94 37.71
N LEU A 578 -36.83 48.69 37.96
CA LEU A 578 -38.14 48.42 38.63
C LEU A 578 -38.15 49.09 40.00
N MET A 579 -37.00 49.11 40.67
CA MET A 579 -36.90 49.79 42.01
C MET A 579 -37.29 51.25 41.81
N LEU A 580 -36.85 51.86 40.71
CA LEU A 580 -37.23 53.27 40.42
C LEU A 580 -38.73 53.31 40.12
N PHE A 581 -39.25 52.28 39.41
CA PHE A 581 -40.71 52.21 39.14
C PHE A 581 -41.47 52.17 40.48
N ASN A 582 -40.90 51.50 41.49
CA ASN A 582 -41.54 51.51 42.83
C ASN A 582 -41.63 52.96 43.30
N ASN A 583 -40.55 53.73 43.16
CA ASN A 583 -40.55 55.15 43.56
C ASN A 583 -41.56 55.92 42.69
N ARG A 584 -41.43 55.82 41.36
CA ARG A 584 -42.33 56.56 40.44
C ARG A 584 -42.82 55.63 39.33
N GLU A 585 -44.13 55.43 39.22
CA GLU A 585 -44.70 54.55 38.17
C GLU A 585 -44.28 55.08 36.79
N LYS A 586 -44.34 56.40 36.59
CA LYS A 586 -43.89 57.00 35.31
C LYS A 586 -42.41 57.36 35.43
N TYR A 587 -41.54 56.63 34.73
CA TYR A 587 -40.08 56.92 34.77
C TYR A 587 -39.55 57.01 33.33
N THR A 588 -38.80 58.08 33.04
CA THR A 588 -38.29 58.29 31.66
C THR A 588 -36.92 57.64 31.49
N PHE A 589 -36.59 57.20 30.28
CA PHE A 589 -35.27 56.56 29.99
C PHE A 589 -34.15 57.29 30.72
N GLU A 590 -33.95 58.58 30.42
CA GLU A 590 -32.82 59.34 31.02
C GLU A 590 -33.03 59.44 32.53
N GLU A 591 -34.27 59.62 32.99
CA GLU A 591 -34.55 59.77 34.43
C GLU A 591 -34.07 58.52 35.17
N ILE A 592 -34.35 57.34 34.61
CA ILE A 592 -33.93 56.06 35.25
C ILE A 592 -32.40 56.03 35.31
N GLN A 593 -31.73 56.43 34.23
CA GLN A 593 -30.24 56.46 34.21
C GLN A 593 -29.73 57.40 35.30
N GLN A 594 -30.31 58.59 35.43
CA GLN A 594 -29.83 59.60 36.41
C GLN A 594 -29.83 59.02 37.83
N GLU A 595 -30.64 57.99 38.07
CA GLU A 595 -30.75 57.44 39.42
C GLU A 595 -30.20 56.02 39.57
N THR A 596 -30.34 55.17 38.55
CA THR A 596 -29.77 53.82 38.64
C THR A 596 -28.26 53.83 38.46
N ASP A 597 -27.75 54.86 37.77
CA ASP A 597 -26.29 54.94 37.48
C ASP A 597 -25.92 53.76 36.57
N ILE A 598 -26.65 53.59 35.47
CA ILE A 598 -26.37 52.49 34.50
C ILE A 598 -25.95 53.12 33.17
N PRO A 599 -24.89 52.62 32.49
CA PRO A 599 -24.51 53.14 31.19
C PRO A 599 -25.75 53.30 30.29
N GLU A 600 -25.90 54.46 29.65
CA GLU A 600 -27.10 54.73 28.82
C GLU A 600 -27.33 53.55 27.87
N ARG A 601 -26.27 53.07 27.21
CA ARG A 601 -26.39 51.92 26.29
C ARG A 601 -26.90 50.69 27.06
N GLU A 602 -26.26 50.38 28.18
CA GLU A 602 -26.65 49.17 28.97
C GLU A 602 -28.06 49.35 29.53
N LEU A 603 -28.41 50.58 29.93
CA LEU A 603 -29.77 50.84 30.48
C LEU A 603 -30.83 50.52 29.43
N ARG A 605 -30.42 49.16 26.34
CA ARG A 605 -30.44 47.68 26.32
C ARG A 605 -31.44 47.18 27.37
N ALA A 606 -31.13 47.37 28.65
CA ALA A 606 -32.01 46.84 29.73
C ALA A 606 -33.42 47.40 29.56
N LEU A 607 -33.54 48.72 29.39
CA LEU A 607 -34.89 49.36 29.29
C LEU A 607 -35.57 48.94 27.98
N GLN A 608 -34.81 48.86 26.88
CA GLN A 608 -35.39 48.39 25.60
C GLN A 608 -35.87 46.95 25.77
N SER A 609 -35.02 46.09 26.34
CA SER A 609 -35.39 44.66 26.57
C SER A 609 -36.55 44.59 27.58
N LEU A 610 -36.47 45.39 28.66
CA LEU A 610 -37.53 45.37 29.70
C LEU A 610 -38.87 45.75 29.05
N ALA A 611 -38.89 46.81 28.25
CA ALA A 611 -40.12 47.20 27.54
C ALA A 611 -40.59 46.04 26.66
N CYS A 612 -39.66 45.46 25.88
CA CYS A 612 -40.01 44.32 25.00
C CYS A 612 -40.53 43.15 25.86
N THR A 616 -44.36 45.13 21.10
CA THR A 616 -43.45 44.62 22.15
C THR A 616 -43.60 45.46 23.42
N GLN A 617 -44.84 45.74 23.83
CA GLN A 617 -45.08 46.49 25.09
C GLN A 617 -45.68 45.54 26.13
N ARG A 618 -45.69 44.24 25.81
CA ARG A 618 -46.33 43.24 26.72
C ARG A 618 -45.67 43.32 28.10
N VAL A 619 -44.35 43.10 28.18
CA VAL A 619 -43.67 43.07 29.51
C VAL A 619 -43.80 44.45 30.17
N LEU A 620 -43.46 45.52 29.44
CA LEU A 620 -43.52 46.89 30.00
C LEU A 620 -43.90 47.88 28.89
N THR A 621 -44.66 48.93 29.24
CA THR A 621 -45.06 49.95 28.24
C THR A 621 -44.09 51.12 28.29
N LYS A 622 -43.35 51.36 27.20
CA LYS A 622 -42.40 52.49 27.13
C LYS A 622 -43.06 53.65 26.36
N LYS A 625 -42.62 54.19 23.07
CA LYS A 625 -42.45 53.39 21.83
C LYS A 625 -42.52 51.90 22.17
N SER A 626 -42.92 51.07 21.21
CA SER A 626 -43.03 49.61 21.43
C SER A 626 -41.66 49.00 21.73
N LYS A 627 -40.65 49.28 20.87
CA LYS A 627 -39.31 48.64 21.05
C LYS A 627 -38.22 49.71 21.01
N GLU A 628 -38.23 50.59 20.00
CA GLU A 628 -37.16 51.60 19.86
C GLU A 628 -36.95 52.31 21.20
N ILE A 629 -35.69 52.43 21.63
CA ILE A 629 -35.38 53.06 22.95
C ILE A 629 -34.81 54.46 22.72
N GLU A 630 -35.39 55.47 23.37
CA GLU A 630 -34.88 56.87 23.26
C GLU A 630 -35.02 57.57 24.62
N ASN A 631 -34.34 58.71 24.79
CA ASN A 631 -34.44 59.48 26.05
C ASN A 631 -35.87 60.00 26.21
N GLY A 632 -36.41 60.63 25.15
CA GLY A 632 -37.78 61.18 25.21
C GLY A 632 -38.82 60.11 25.50
N HIS A 633 -38.39 58.85 25.58
CA HIS A 633 -39.34 57.72 25.80
C HIS A 633 -39.58 57.54 27.30
N ILE A 634 -40.81 57.83 27.75
CA ILE A 634 -41.16 57.65 29.20
C ILE A 634 -41.76 56.25 29.38
N PHE A 635 -41.35 55.55 30.44
CA PHE A 635 -41.85 54.17 30.68
C PHE A 635 -42.95 54.20 31.73
N THR A 636 -44.12 53.63 31.41
CA THR A 636 -45.23 53.54 32.40
C THR A 636 -45.35 52.10 32.89
N VAL A 637 -45.54 51.92 34.20
CA VAL A 637 -45.68 50.55 34.77
C VAL A 637 -46.77 49.79 33.99
N ASN A 638 -46.48 48.55 33.60
CA ASN A 638 -47.44 47.75 32.79
C ASN A 638 -47.90 46.54 33.61
N ASP A 639 -49.22 46.28 33.64
CA ASP A 639 -49.76 45.11 34.37
C ASP A 639 -50.39 44.15 33.36
N GLN A 640 -50.45 44.56 32.09
CA GLN A 640 -51.07 43.73 31.02
C GLN A 640 -50.29 42.42 30.89
N PHE A 641 -48.97 42.47 31.07
CA PHE A 641 -48.13 41.25 30.91
C PHE A 641 -48.67 40.14 31.83
N THR A 642 -48.72 38.91 31.31
CA THR A 642 -49.21 37.76 32.10
C THR A 642 -48.56 36.47 31.60
N SER A 643 -48.78 35.36 32.29
CA SER A 643 -48.22 34.05 31.85
C SER A 643 -48.95 32.90 32.57
N LYS A 644 -49.07 31.74 31.92
CA LYS A 644 -49.70 30.56 32.58
C LYS A 644 -48.87 30.20 33.82
N LEU A 645 -47.55 30.35 33.73
CA LEU A 645 -46.66 30.05 34.88
C LEU A 645 -46.32 31.35 35.61
N HIS A 646 -46.35 31.33 36.94
CA HIS A 646 -46.01 32.55 37.73
C HIS A 646 -44.58 32.98 37.36
N ARG A 647 -43.70 32.02 37.07
CA ARG A 647 -42.31 32.34 36.67
C ARG A 647 -42.26 32.76 35.20
N VAL A 648 -41.81 33.98 34.93
CA VAL A 648 -41.68 34.45 33.51
C VAL A 648 -40.33 35.16 33.36
N LYS A 649 -39.34 34.48 32.78
CA LYS A 649 -38.01 35.12 32.54
C LYS A 649 -38.20 36.29 31.56
N ILE A 650 -37.42 37.36 31.72
CA ILE A 650 -37.59 38.56 30.85
C ILE A 650 -36.38 38.67 29.91
N GLN A 651 -36.64 38.74 28.60
CA GLN A 651 -35.54 38.87 27.61
C GLN A 651 -34.57 39.96 28.06
N THR A 652 -33.27 39.67 28.06
CA THR A 652 -32.28 40.65 28.49
C THR A 652 -30.98 40.49 27.69
N GLU A 659 -21.36 37.10 18.37
CA GLU A 659 -21.02 38.48 18.82
C GLU A 659 -21.38 39.49 17.72
N SER A 660 -21.88 40.67 18.12
CA SER A 660 -22.23 41.72 17.12
C SER A 660 -20.96 42.42 16.63
N ASP A 661 -21.06 43.12 15.50
CA ASP A 661 -19.90 43.84 14.96
C ASP A 661 -19.06 44.55 16.02
N PRO A 662 -19.62 45.33 16.97
CA PRO A 662 -18.80 45.91 18.04
C PRO A 662 -18.10 44.82 18.87
N GLU A 663 -18.89 43.90 19.43
CA GLU A 663 -18.33 42.81 20.30
C GLU A 663 -17.27 42.01 19.53
N ARG A 664 -17.63 41.52 18.34
CA ARG A 664 -16.67 40.68 17.57
C ARG A 664 -15.37 41.47 17.35
N LYS A 665 -15.49 42.74 16.95
CA LYS A 665 -14.29 43.58 16.69
C LYS A 665 -13.38 43.58 17.93
N GLU A 666 -13.90 44.04 19.08
CA GLU A 666 -13.02 44.17 20.29
C GLU A 666 -12.45 42.79 20.64
N THR A 667 -13.24 41.72 20.49
CA THR A 667 -12.76 40.35 20.84
C THR A 667 -11.57 39.98 19.94
N ARG A 668 -11.68 40.24 18.64
CA ARG A 668 -10.58 39.90 17.70
C ARG A 668 -9.36 40.79 18.01
N GLN A 669 -9.60 42.05 18.32
CA GLN A 669 -8.48 42.97 18.70
C GLN A 669 -7.78 42.39 19.92
N LYS A 670 -8.56 41.91 20.91
CA LYS A 670 -7.97 41.26 22.10
C LYS A 670 -7.09 40.10 21.64
N VAL A 671 -7.59 39.29 20.70
CA VAL A 671 -6.80 38.16 20.15
C VAL A 671 -5.47 38.71 19.60
N ASP A 672 -5.54 39.77 18.79
CA ASP A 672 -4.32 40.35 18.18
C ASP A 672 -3.35 40.81 19.28
N ASP A 673 -3.88 41.55 20.28
CA ASP A 673 -3.01 42.08 21.36
C ASP A 673 -2.34 40.90 22.09
N ASP A 674 -3.11 39.86 22.39
CA ASP A 674 -2.56 38.68 23.09
C ASP A 674 -1.43 38.09 22.24
N ARG A 675 -1.67 37.90 20.95
CA ARG A 675 -0.65 37.33 20.03
C ARG A 675 0.58 38.24 20.03
N LYS A 676 0.37 39.55 19.95
CA LYS A 676 1.50 40.53 19.96
C LYS A 676 2.43 40.23 21.13
N HIS A 677 1.93 40.43 22.36
CA HIS A 677 2.77 40.21 23.58
C HIS A 677 3.30 38.77 23.56
N GLU A 678 2.46 37.82 23.13
CA GLU A 678 2.87 36.39 23.11
C GLU A 678 4.19 36.25 22.35
N ILE A 679 4.22 36.67 21.07
CA ILE A 679 5.45 36.47 20.26
C ILE A 679 6.59 37.31 20.86
N GLU A 680 6.30 38.56 21.24
CA GLU A 680 7.34 39.43 21.85
C GLU A 680 8.04 38.65 22.97
N ALA A 681 7.26 38.07 23.87
CA ALA A 681 7.83 37.27 24.98
C ALA A 681 8.60 36.08 24.40
N ALA A 682 7.95 35.30 23.55
CA ALA A 682 8.60 34.11 22.94
C ALA A 682 9.96 34.51 22.36
N ILE A 683 9.99 35.58 21.56
CA ILE A 683 11.28 36.02 20.92
C ILE A 683 12.30 36.31 22.02
N VAL A 684 11.94 37.14 22.99
CA VAL A 684 12.89 37.50 24.09
C VAL A 684 13.31 36.21 24.80
N ARG A 685 12.35 35.33 25.08
CA ARG A 685 12.65 34.05 25.80
C ARG A 685 13.77 33.32 25.06
N ILE A 686 13.57 33.04 23.77
CA ILE A 686 14.60 32.28 22.97
C ILE A 686 15.83 33.18 22.79
N MET A 687 15.63 34.49 22.63
CA MET A 687 16.78 35.41 22.52
C MET A 687 17.61 35.29 23.81
N LYS A 688 16.94 35.22 24.96
CA LYS A 688 17.67 35.03 26.25
C LYS A 688 18.36 33.67 26.24
N SER A 689 17.65 32.61 25.81
CA SER A 689 18.23 31.25 25.77
C SER A 689 19.44 31.22 24.83
N ARG A 690 19.30 31.77 23.62
CA ARG A 690 20.42 31.82 22.65
C ARG A 690 20.82 33.28 22.44
N LYS A 691 21.85 33.76 23.15
CA LYS A 691 22.23 35.19 23.06
C LYS A 691 22.25 35.64 21.60
N LYS A 692 22.94 34.91 20.73
CA LYS A 692 23.06 35.32 19.30
C LYS A 692 21.97 34.63 18.47
N MET A 693 21.14 35.42 17.78
CA MET A 693 20.07 34.84 16.92
C MET A 693 19.92 35.70 15.66
N GLN A 694 20.26 35.14 14.50
CA GLN A 694 20.12 35.88 13.21
C GLN A 694 18.64 36.18 12.97
N HIS A 695 18.30 37.36 12.46
CA HIS A 695 16.88 37.77 12.29
C HIS A 695 16.09 36.65 11.60
N ASN A 696 16.55 36.23 10.42
CA ASN A 696 15.82 35.18 9.65
C ASN A 696 15.72 33.91 10.51
N VAL A 697 16.85 33.50 11.12
CA VAL A 697 16.83 32.31 12.02
C VAL A 697 15.84 32.58 13.16
N LEU A 698 15.91 33.77 13.77
CA LEU A 698 15.03 34.10 14.92
C LEU A 698 13.56 34.02 14.48
N VAL A 699 13.19 34.69 13.39
CA VAL A 699 11.76 34.71 12.97
C VAL A 699 11.34 33.29 12.60
N ALA A 700 12.27 32.48 12.08
CA ALA A 700 11.94 31.10 11.66
C ALA A 700 11.62 30.25 12.89
N GLU A 701 12.50 30.26 13.89
CA GLU A 701 12.28 29.41 15.09
C GLU A 701 11.06 29.93 15.85
N VAL A 702 10.89 31.25 15.93
CA VAL A 702 9.76 31.86 16.71
C VAL A 702 8.44 31.43 16.07
N THR A 703 8.27 31.68 14.77
CA THR A 703 7.00 31.31 14.07
C THR A 703 6.79 29.81 14.22
N GLN A 704 7.86 29.01 14.10
CA GLN A 704 7.75 27.54 14.20
C GLN A 704 7.24 27.13 15.59
N GLN A 705 7.73 27.79 16.64
CA GLN A 705 7.36 27.38 18.02
C GLN A 705 5.99 27.96 18.39
N LEU A 706 5.45 28.89 17.58
CA LEU A 706 4.17 29.56 17.93
C LEU A 706 3.07 29.12 16.97
N LYS A 707 3.43 28.63 15.78
CA LYS A 707 2.41 28.25 14.77
C LYS A 707 1.36 27.35 15.43
N ALA A 708 1.72 26.65 16.51
CA ALA A 708 0.78 25.72 17.17
C ALA A 708 -0.56 26.41 17.45
N ARG A 709 -0.55 27.64 17.95
CA ARG A 709 -1.83 28.30 18.34
C ARG A 709 -2.25 29.33 17.30
N PHE A 710 -1.28 29.93 16.60
CA PHE A 710 -1.59 30.98 15.59
C PHE A 710 -0.37 31.19 14.69
N LEU A 711 -0.60 31.73 13.48
CA LEU A 711 0.53 32.03 12.56
C LEU A 711 0.91 33.51 12.69
N PRO A 712 2.04 33.85 13.36
CA PRO A 712 2.44 35.24 13.54
C PRO A 712 2.91 35.84 12.20
N SER A 713 2.42 37.04 11.87
CA SER A 713 2.79 37.68 10.58
C SER A 713 4.24 38.18 10.64
N PRO A 714 5.16 37.65 9.82
CA PRO A 714 6.59 38.02 9.89
C PRO A 714 6.83 39.53 9.82
N VAL A 715 6.06 40.23 8.98
CA VAL A 715 6.24 41.71 8.83
C VAL A 715 5.99 42.38 10.18
N VAL A 716 4.89 42.04 10.84
CA VAL A 716 4.57 42.61 12.19
C VAL A 716 5.56 42.02 13.20
N ILE A 717 5.95 40.76 13.04
CA ILE A 717 6.98 40.16 13.94
C ILE A 717 8.19 41.09 13.91
N LYS A 718 8.65 41.46 12.72
CA LYS A 718 9.86 42.31 12.59
C LYS A 718 9.63 43.63 13.34
N LYS A 719 8.45 44.23 13.20
CA LYS A 719 8.13 45.48 13.94
C LYS A 719 8.27 45.22 15.45
N ARG A 720 7.64 44.14 15.94
CA ARG A 720 7.75 43.77 17.38
C ARG A 720 9.21 43.44 17.69
N ILE A 721 9.90 42.77 16.76
CA ILE A 721 11.34 42.43 16.94
C ILE A 721 12.13 43.73 17.06
N GLU A 722 11.84 44.71 16.20
CA GLU A 722 12.53 46.02 16.26
C GLU A 722 12.23 46.66 17.61
N GLY A 723 11.00 46.53 18.11
CA GLY A 723 10.65 47.06 19.44
C GLY A 723 11.49 46.37 20.50
N LEU A 724 11.68 45.06 20.38
CA LEU A 724 12.52 44.30 21.34
C LEU A 724 13.98 44.77 21.21
N ILE A 725 14.43 45.03 19.98
CA ILE A 725 15.81 45.56 19.76
C ILE A 725 15.92 46.88 20.54
N GLU A 726 14.91 47.74 20.41
CA GLU A 726 14.91 49.04 21.15
C GLU A 726 14.93 48.75 22.66
N ARG A 727 14.15 47.76 23.11
CA ARG A 727 14.09 47.42 24.55
C ARG A 727 15.27 46.51 24.91
N GLU A 728 16.50 47.01 24.78
CA GLU A 728 17.71 46.19 25.07
C GLU A 728 17.54 44.84 24.37
N TYR A 729 17.68 43.74 25.12
CA TYR A 729 17.45 42.39 24.54
C TYR A 729 18.16 42.29 23.20
N LEU A 730 17.42 42.08 22.12
CA LEU A 730 18.02 41.91 20.76
C LEU A 730 19.02 43.04 20.50
N ALA A 731 20.25 42.69 20.09
CA ALA A 731 21.26 43.73 19.75
C ALA A 731 21.91 43.37 18.42
N ARG A 732 21.67 44.18 17.37
CA ARG A 732 22.19 43.87 16.02
C ARG A 732 23.72 43.80 16.08
N THR A 733 24.30 42.70 15.59
CA THR A 733 25.78 42.53 15.62
C THR A 733 26.40 43.35 14.48
N PRO A 734 27.62 43.89 14.63
CA PRO A 734 28.28 44.65 13.55
C PRO A 734 28.48 43.76 12.31
N GLU A 735 28.86 42.50 12.52
CA GLU A 735 29.10 41.56 11.38
C GLU A 735 27.78 41.38 10.62
N ASP A 736 26.68 41.11 11.33
CA ASP A 736 25.36 40.95 10.67
C ASP A 736 24.29 41.59 11.57
N ARG A 737 23.67 42.67 11.09
CA ARG A 737 22.59 43.34 11.87
C ARG A 737 21.47 42.33 12.12
N LYS A 738 21.21 41.45 11.15
CA LYS A 738 20.16 40.41 11.34
C LYS A 738 20.46 39.61 12.60
N VAL A 739 21.72 39.16 12.77
CA VAL A 739 22.09 38.44 14.02
C VAL A 739 21.88 39.40 15.20
N TYR A 740 21.07 38.99 16.19
CA TYR A 740 20.80 39.84 17.38
C TYR A 740 21.44 39.20 18.61
N THR A 741 22.10 40.00 19.44
CA THR A 741 22.70 39.48 20.70
C THR A 741 21.80 39.85 21.87
N TYR A 742 21.52 38.92 22.77
CA TYR A 742 20.58 39.21 23.89
C TYR A 742 21.23 40.20 24.88
N VAL A 743 20.47 41.19 25.32
CA VAL A 743 20.99 42.16 26.35
C VAL A 743 20.03 42.13 27.54
N ALA A 744 20.44 41.50 28.64
CA ALA A 744 19.56 41.40 29.84
C ALA A 744 19.00 42.77 30.17
N GLN B 31 17.45 -43.93 -1.16
CA GLN B 31 17.81 -45.36 -1.04
C GLN B 31 16.99 -46.18 -2.03
N HIS B 32 15.82 -45.67 -2.44
CA HIS B 32 14.94 -46.40 -3.38
C HIS B 32 15.70 -46.63 -4.70
N SER B 33 16.36 -45.60 -5.22
CA SER B 33 17.13 -45.74 -6.48
C SER B 33 18.21 -46.80 -6.31
N GLN B 34 18.92 -46.79 -5.17
CA GLN B 34 20.00 -47.78 -4.90
C GLN B 34 19.38 -49.18 -4.85
N ALA B 35 18.26 -49.33 -4.13
CA ALA B 35 17.59 -50.65 -4.03
C ALA B 35 17.16 -51.09 -5.44
N LEU B 36 16.51 -50.19 -6.17
CA LEU B 36 16.11 -50.50 -7.57
C LEU B 36 17.36 -50.94 -8.33
N LEU B 37 18.42 -50.13 -8.28
CA LEU B 37 19.68 -50.47 -8.97
C LEU B 37 20.10 -51.90 -8.61
N ARG B 38 20.24 -52.18 -7.32
CA ARG B 38 20.67 -53.53 -6.86
C ARG B 38 19.83 -54.59 -7.58
N GLY B 39 18.51 -54.39 -7.63
CA GLY B 39 17.61 -55.36 -8.28
C GLY B 39 17.89 -55.46 -9.77
N LEU B 40 18.14 -54.31 -10.42
CA LEU B 40 18.36 -54.28 -11.90
C LEU B 40 19.53 -55.20 -12.29
N LEU B 41 20.66 -55.09 -11.60
CA LEU B 41 21.84 -55.94 -11.93
C LEU B 41 21.55 -57.39 -11.52
N ALA B 42 20.99 -57.59 -10.32
CA ALA B 42 20.61 -58.95 -9.89
C ALA B 42 19.92 -59.66 -11.05
N LEU B 43 19.25 -58.90 -11.92
CA LEU B 43 18.58 -59.48 -13.11
C LEU B 43 19.64 -59.97 -14.09
N ASP B 45 22.56 -60.75 -13.13
CA ASP B 45 23.23 -61.76 -12.27
C ASP B 45 22.39 -63.04 -12.24
N SER B 46 21.08 -62.93 -12.51
CA SER B 46 20.18 -64.12 -12.49
C SER B 46 20.04 -64.67 -13.92
N GLY B 47 20.87 -64.19 -14.85
CA GLY B 47 20.79 -64.64 -16.25
C GLY B 47 19.42 -64.37 -16.84
N ILE B 48 18.81 -63.23 -16.49
CA ILE B 48 17.45 -62.89 -16.99
C ILE B 48 17.46 -61.44 -17.51
N LEU B 49 16.61 -61.14 -18.49
CA LEU B 49 16.50 -59.76 -19.05
C LEU B 49 17.83 -59.36 -19.72
N PHE B 50 18.73 -60.33 -19.91
CA PHE B 50 20.01 -60.05 -20.60
C PHE B 50 19.76 -60.06 -22.12
N ASP B 51 18.75 -59.29 -22.56
CA ASP B 51 18.38 -59.27 -24.01
C ASP B 51 19.60 -58.87 -24.85
N VAL B 52 20.33 -57.84 -24.41
CA VAL B 52 21.50 -57.34 -25.20
C VAL B 52 22.67 -58.30 -25.03
N VAL B 53 23.49 -58.45 -26.08
CA VAL B 53 24.71 -59.31 -25.98
C VAL B 53 25.89 -58.53 -26.56
N LEU B 54 26.81 -58.09 -25.69
CA LEU B 54 27.96 -57.26 -26.16
C LEU B 54 29.01 -58.16 -26.79
N VAL B 55 29.67 -57.70 -27.87
CA VAL B 55 30.75 -58.48 -28.52
C VAL B 55 31.91 -57.53 -28.84
N VAL B 56 32.97 -57.55 -28.02
CA VAL B 56 34.10 -56.59 -28.22
C VAL B 56 35.29 -57.34 -28.82
N GLU B 57 35.30 -58.68 -28.71
CA GLU B 57 36.40 -59.49 -29.31
C GLU B 57 35.87 -60.89 -29.63
N GLY B 58 34.80 -60.98 -30.44
CA GLY B 58 34.26 -62.29 -30.84
C GLY B 58 33.52 -62.96 -29.70
N ARG B 59 33.87 -62.64 -28.46
CA ARG B 59 33.22 -63.27 -27.27
C ARG B 59 31.86 -62.60 -27.06
N HIS B 60 30.82 -63.39 -26.76
CA HIS B 60 29.46 -62.83 -26.60
C HIS B 60 29.12 -62.70 -25.11
N ILE B 61 29.43 -61.55 -24.51
CA ILE B 61 29.03 -61.33 -23.09
C ILE B 61 27.59 -60.82 -23.07
N GLU B 62 26.85 -61.04 -21.98
CA GLU B 62 25.40 -60.64 -21.94
C GLU B 62 25.22 -59.37 -21.11
N ALA B 63 24.19 -58.58 -21.41
CA ALA B 63 23.91 -57.33 -20.65
C ALA B 63 22.44 -56.93 -20.84
N HIS B 64 21.95 -56.00 -20.01
CA HIS B 64 20.53 -55.55 -20.10
C HIS B 64 20.45 -54.32 -21.02
N ARG B 65 19.76 -54.45 -22.16
CA ARG B 65 19.72 -53.33 -23.15
C ARG B 65 19.21 -52.05 -22.47
N ILE B 66 18.04 -52.10 -21.82
CA ILE B 66 17.46 -50.87 -21.21
C ILE B 66 18.43 -50.34 -20.14
N LEU B 67 18.97 -51.23 -19.31
CA LEU B 67 19.89 -50.80 -18.23
C LEU B 67 21.14 -50.18 -18.85
N LEU B 68 21.64 -50.76 -19.95
CA LEU B 68 22.80 -50.17 -20.66
C LEU B 68 22.40 -48.79 -21.20
N ALA B 69 21.18 -48.68 -21.74
CA ALA B 69 20.70 -47.39 -22.33
C ALA B 69 20.57 -46.35 -21.22
N ALA B 70 20.73 -46.75 -19.96
CA ALA B 70 20.71 -45.77 -18.84
C ALA B 70 22.13 -45.27 -18.59
N SER B 71 23.13 -46.08 -18.93
CA SER B 71 24.54 -45.67 -18.81
C SER B 71 25.11 -45.26 -20.16
N ASP B 73 27.43 -43.13 -22.25
CA ASP B 73 26.36 -42.74 -23.21
C ASP B 73 26.51 -43.58 -24.49
N TYR B 74 27.60 -44.34 -24.60
CA TYR B 74 27.80 -45.22 -25.79
C TYR B 74 26.58 -46.13 -25.92
N PHE B 75 26.19 -46.79 -24.83
CA PHE B 75 25.01 -47.71 -24.87
C PHE B 75 23.73 -46.90 -25.10
N ARG B 76 23.59 -45.77 -24.41
CA ARG B 76 22.40 -44.89 -24.60
C ARG B 76 22.23 -44.65 -26.11
N GLY B 77 23.32 -44.27 -26.79
CA GLY B 77 23.26 -44.02 -28.25
C GLY B 77 23.33 -45.30 -29.05
N MET B 78 23.62 -46.43 -28.40
CA MET B 78 23.72 -47.74 -29.09
C MET B 78 22.32 -48.25 -29.44
N PHE B 79 21.35 -48.05 -28.54
CA PHE B 79 19.99 -48.59 -28.77
C PHE B 79 19.00 -47.44 -28.97
N ALA B 80 18.74 -46.65 -27.93
CA ALA B 80 17.80 -45.52 -28.03
C ALA B 80 18.27 -44.56 -29.11
N GLY B 81 19.56 -44.23 -29.13
CA GLY B 81 20.11 -43.35 -30.17
C GLY B 81 20.53 -44.14 -31.40
N GLY B 82 20.66 -45.46 -31.28
CA GLY B 82 21.08 -46.31 -32.41
C GLY B 82 20.04 -46.35 -33.51
N LEU B 83 20.48 -46.36 -34.77
CA LEU B 83 19.54 -46.44 -35.92
C LEU B 83 19.20 -47.91 -36.17
N LYS B 84 20.22 -48.78 -36.19
CA LYS B 84 19.99 -50.24 -36.39
C LYS B 84 20.94 -51.02 -35.47
N MET B 86 19.24 -49.63 -32.59
CA MET B 86 17.86 -50.10 -32.28
C MET B 86 17.75 -51.60 -32.58
N GLU B 87 18.51 -52.10 -33.56
CA GLU B 87 18.51 -53.55 -33.87
C GLU B 87 19.69 -54.19 -33.12
N GLN B 88 20.34 -53.44 -32.24
CA GLN B 88 21.49 -53.96 -31.44
C GLN B 88 20.97 -54.53 -30.12
N GLU B 89 20.72 -55.84 -30.07
CA GLU B 89 20.29 -56.50 -28.81
C GLU B 89 21.08 -57.80 -28.62
N VAL B 91 24.85 -56.84 -30.57
CA VAL B 91 25.70 -55.68 -30.21
C VAL B 91 27.17 -56.05 -30.44
N LEU B 92 27.81 -55.44 -31.45
CA LEU B 92 29.26 -55.70 -31.71
C LEU B 92 30.06 -54.44 -31.37
N ILE B 93 30.45 -54.29 -30.10
CA ILE B 93 31.26 -53.11 -29.67
C ILE B 93 32.60 -53.17 -30.40
N HIS B 94 33.20 -54.37 -30.47
CA HIS B 94 34.57 -54.49 -31.06
C HIS B 94 35.49 -53.52 -30.32
N GLY B 95 36.34 -52.79 -31.05
CA GLY B 95 37.20 -51.77 -30.41
C GLY B 95 38.11 -52.33 -29.33
N VAL B 96 37.90 -51.94 -28.08
CA VAL B 96 38.81 -52.35 -26.97
C VAL B 96 38.62 -53.84 -26.64
N SER B 97 39.51 -54.41 -25.82
CA SER B 97 39.43 -55.83 -25.43
C SER B 97 38.44 -56.01 -24.28
N TYR B 98 38.07 -57.26 -23.96
CA TYR B 98 37.06 -57.52 -22.90
C TYR B 98 37.64 -57.16 -21.52
N ASN B 99 38.94 -57.41 -21.33
CA ASN B 99 39.59 -57.08 -20.02
C ASN B 99 39.08 -55.72 -19.56
N ALA B 100 39.35 -54.68 -20.33
CA ALA B 100 38.88 -53.31 -19.98
C ALA B 100 37.35 -53.31 -19.93
N MET B 101 36.70 -53.85 -20.96
CA MET B 101 35.20 -53.80 -21.03
C MET B 101 34.60 -54.51 -19.81
N CYS B 102 35.20 -55.62 -19.38
CA CYS B 102 34.68 -56.38 -18.22
C CYS B 102 34.65 -55.44 -17.00
N GLN B 103 35.74 -54.71 -16.76
CA GLN B 103 35.78 -53.73 -15.64
C GLN B 103 34.77 -52.60 -15.91
N ILE B 104 34.65 -52.17 -17.16
CA ILE B 104 33.66 -51.11 -17.50
C ILE B 104 32.26 -51.61 -17.12
N LEU B 105 31.93 -52.84 -17.52
CA LEU B 105 30.60 -53.43 -17.18
C LEU B 105 30.54 -53.62 -15.66
N HIS B 106 31.65 -54.09 -15.06
CA HIS B 106 31.70 -54.31 -13.59
C HIS B 106 31.38 -52.99 -12.90
N PHE B 107 31.73 -51.87 -13.52
CA PHE B 107 31.47 -50.53 -12.93
C PHE B 107 30.00 -50.13 -13.15
N ILE B 108 29.55 -50.12 -14.40
CA ILE B 108 28.16 -49.66 -14.70
C ILE B 108 27.17 -50.42 -13.81
N TYR B 109 27.57 -51.60 -13.31
CA TYR B 109 26.70 -52.38 -12.39
C TYR B 109 27.21 -52.21 -10.95
N THR B 110 26.32 -51.83 -10.02
CA THR B 110 26.70 -51.68 -8.58
C THR B 110 27.75 -50.56 -8.42
N SER B 111 27.93 -49.72 -9.45
CA SER B 111 28.87 -48.56 -9.35
C SER B 111 30.20 -48.99 -8.74
N GLU B 112 30.88 -49.98 -9.32
CA GLU B 112 32.15 -50.49 -8.72
C GLU B 112 33.18 -50.78 -9.82
N LEU B 113 34.20 -49.92 -9.96
CA LEU B 113 35.28 -50.18 -10.94
C LEU B 113 36.48 -50.80 -10.23
N LEU B 115 39.36 -51.79 -11.47
CA LEU B 115 40.54 -50.97 -11.81
C LEU B 115 41.80 -51.59 -11.20
N SER B 116 42.30 -52.67 -11.80
CA SER B 116 43.48 -53.38 -11.24
C SER B 116 44.78 -52.78 -11.79
N LEU B 117 45.91 -53.12 -11.18
CA LEU B 117 47.22 -52.60 -11.65
C LEU B 117 47.47 -53.03 -13.10
N SER B 118 47.07 -54.25 -13.45
CA SER B 118 47.31 -54.78 -14.82
C SER B 118 46.16 -54.37 -15.75
N ASN B 119 45.07 -53.83 -15.19
CA ASN B 119 43.89 -53.46 -16.02
C ASN B 119 43.55 -51.99 -15.74
N VAL B 120 44.27 -51.05 -16.36
CA VAL B 120 44.04 -49.59 -16.11
C VAL B 120 44.08 -48.83 -17.44
N GLN B 121 45.22 -48.81 -18.13
CA GLN B 121 45.33 -48.00 -19.37
C GLN B 121 44.19 -48.36 -20.32
N GLU B 122 43.99 -49.65 -20.57
CA GLU B 122 42.95 -50.10 -21.54
C GLU B 122 41.56 -49.65 -21.05
N THR B 123 41.32 -49.69 -19.74
CA THR B 123 40.02 -49.23 -19.18
C THR B 123 39.84 -47.76 -19.51
N LEU B 124 40.90 -46.95 -19.36
CA LEU B 124 40.83 -45.51 -19.72
C LEU B 124 40.38 -45.41 -21.18
N VAL B 125 41.04 -46.17 -22.07
CA VAL B 125 40.69 -46.15 -23.52
C VAL B 125 39.22 -46.58 -23.68
N ALA B 126 38.80 -47.61 -22.94
CA ALA B 126 37.39 -48.07 -22.99
C ALA B 126 36.49 -47.00 -22.38
N ALA B 127 37.00 -46.26 -21.38
CA ALA B 127 36.22 -45.16 -20.75
C ALA B 127 36.13 -43.99 -21.72
N CYS B 128 36.88 -44.04 -22.82
CA CYS B 128 36.77 -42.97 -23.86
C CYS B 128 35.73 -43.45 -24.88
N GLN B 129 35.64 -44.76 -25.10
CA GLN B 129 34.61 -45.33 -26.02
C GLN B 129 33.24 -45.14 -25.37
N LEU B 130 33.06 -45.66 -24.14
CA LEU B 130 31.78 -45.42 -23.42
C LEU B 130 31.89 -44.05 -22.75
N GLN B 131 30.82 -43.27 -22.74
CA GLN B 131 30.92 -41.88 -22.20
C GLN B 131 30.88 -41.89 -20.67
N ILE B 132 31.90 -42.45 -20.02
CA ILE B 132 31.99 -42.42 -18.53
C ILE B 132 33.36 -41.86 -18.14
N PRO B 133 33.47 -40.57 -17.76
CA PRO B 133 34.75 -39.98 -17.34
C PRO B 133 35.21 -40.52 -15.97
N GLU B 134 34.27 -40.98 -15.15
CA GLU B 134 34.62 -41.56 -13.83
C GLU B 134 35.78 -42.54 -14.02
N ILE B 135 35.61 -43.52 -14.92
CA ILE B 135 36.66 -44.55 -15.16
C ILE B 135 37.94 -43.84 -15.63
N ILE B 136 37.80 -42.85 -16.52
CA ILE B 136 38.98 -42.07 -16.98
C ILE B 136 39.66 -41.44 -15.76
N HIS B 137 38.89 -40.74 -14.93
CA HIS B 137 39.44 -40.10 -13.71
C HIS B 137 40.08 -41.18 -12.83
N PHE B 138 39.33 -42.26 -12.56
CA PHE B 138 39.83 -43.35 -11.69
C PHE B 138 41.20 -43.82 -12.22
N CYS B 139 41.27 -44.16 -13.51
CA CYS B 139 42.53 -44.66 -14.10
C CYS B 139 43.63 -43.60 -13.94
N CYS B 140 43.30 -42.33 -14.17
CA CYS B 140 44.30 -41.23 -14.05
C CYS B 140 44.86 -41.21 -12.63
N ASP B 141 43.98 -41.26 -11.62
CA ASP B 141 44.42 -41.25 -10.21
C ASP B 141 45.25 -42.50 -9.93
N PHE B 142 44.81 -43.66 -10.46
CA PHE B 142 45.55 -44.93 -10.25
C PHE B 142 46.94 -44.81 -10.89
N LEU B 143 47.00 -44.29 -12.11
CA LEU B 143 48.31 -44.09 -12.80
C LEU B 143 49.15 -43.14 -11.95
N MET B 144 48.55 -42.04 -11.49
CA MET B 144 49.28 -41.07 -10.62
C MET B 144 49.84 -41.83 -9.40
N SER B 145 49.03 -42.72 -8.81
CA SER B 145 49.44 -43.47 -7.64
C SER B 145 50.56 -44.45 -7.97
N TRP B 146 50.44 -45.15 -9.09
CA TRP B 146 51.45 -46.13 -9.51
C TRP B 146 52.16 -45.67 -10.77
N ASN C 24 45.08 -51.96 -7.07
CA ASN C 24 45.25 -51.39 -5.74
C ASN C 24 44.01 -50.63 -5.30
N ASN C 25 44.10 -49.30 -5.34
CA ASN C 25 43.00 -48.43 -4.91
C ASN C 25 41.96 -48.39 -6.02
N THR C 26 41.15 -49.44 -6.11
CA THR C 26 40.05 -49.45 -7.11
C THR C 26 39.03 -48.38 -6.72
N TYR C 27 39.05 -47.23 -7.40
CA TYR C 27 38.14 -46.11 -7.05
C TYR C 27 36.71 -46.46 -7.45
N ARG C 28 35.72 -45.96 -6.71
CA ARG C 28 34.29 -46.26 -6.99
C ARG C 28 33.48 -44.96 -6.98
N SER C 29 32.35 -44.94 -7.69
CA SER C 29 31.46 -43.74 -7.69
C SER C 29 30.01 -44.16 -7.94
N ALA C 30 29.12 -43.95 -6.96
CA ALA C 30 27.71 -44.39 -7.08
C ALA C 30 26.89 -43.29 -7.75
N GLN C 31 27.49 -42.55 -8.69
CA GLN C 31 26.78 -41.46 -9.40
C GLN C 31 25.70 -42.06 -10.31
N HIS C 32 25.74 -43.39 -10.50
CA HIS C 32 24.72 -44.08 -11.34
C HIS C 32 23.33 -43.75 -10.78
N SER C 33 23.20 -43.65 -9.45
CA SER C 33 21.91 -43.28 -8.83
C SER C 33 21.05 -42.49 -9.81
N ALA C 35 23.87 -41.59 -13.45
CA ALA C 35 22.59 -41.14 -14.05
C ALA C 35 21.83 -42.35 -14.61
N LEU C 36 22.18 -43.55 -14.17
CA LEU C 36 21.51 -44.79 -14.68
C LEU C 36 20.01 -44.71 -14.38
N LEU C 37 19.64 -44.59 -13.10
CA LEU C 37 18.21 -44.55 -12.71
C LEU C 37 17.55 -43.34 -13.36
N ARG C 38 18.25 -42.20 -13.41
CA ARG C 38 17.70 -40.96 -14.01
C ARG C 38 17.46 -41.17 -15.50
N GLY C 39 18.42 -41.81 -16.19
CA GLY C 39 18.27 -42.07 -17.63
C GLY C 39 17.06 -42.93 -17.92
N LEU C 40 16.85 -43.98 -17.13
CA LEU C 40 15.68 -44.87 -17.30
C LEU C 40 14.40 -44.03 -17.29
N LEU C 41 14.32 -43.03 -16.40
CA LEU C 41 13.14 -42.14 -16.34
C LEU C 41 13.03 -41.34 -17.65
N ALA C 42 14.15 -40.75 -18.10
CA ALA C 42 14.16 -40.00 -19.37
C ALA C 42 13.81 -40.95 -20.52
N LEU C 43 14.32 -42.18 -20.48
CA LEU C 43 13.99 -43.19 -21.52
C LEU C 43 12.47 -43.38 -21.53
N ARG C 44 11.86 -43.46 -20.34
CA ARG C 44 10.39 -43.58 -20.24
C ARG C 44 9.75 -42.33 -20.88
N ASP C 45 10.25 -41.14 -20.51
CA ASP C 45 9.68 -39.88 -21.05
C ASP C 45 9.86 -39.85 -22.58
N SER C 46 10.98 -40.39 -23.07
CA SER C 46 11.26 -40.42 -24.53
C SER C 46 10.37 -41.44 -25.22
N GLY C 47 9.65 -42.26 -24.45
CA GLY C 47 8.80 -43.32 -25.04
C GLY C 47 9.63 -44.22 -25.93
N ILE C 48 10.73 -44.78 -25.41
CA ILE C 48 11.63 -45.62 -26.26
C ILE C 48 12.07 -46.85 -25.46
N LEU C 49 12.37 -47.96 -26.14
CA LEU C 49 12.87 -49.20 -25.48
C LEU C 49 11.85 -49.68 -24.43
N PHE C 50 10.55 -49.46 -24.67
CA PHE C 50 9.51 -49.96 -23.74
C PHE C 50 9.32 -51.46 -23.97
N ASP C 51 10.10 -52.28 -23.25
CA ASP C 51 10.04 -53.76 -23.43
C ASP C 51 8.61 -54.26 -23.27
N VAL C 52 7.82 -53.62 -22.40
CA VAL C 52 6.44 -54.13 -22.12
C VAL C 52 5.44 -52.97 -22.16
N VAL C 53 4.14 -53.28 -22.20
CA VAL C 53 3.08 -52.22 -22.16
C VAL C 53 2.02 -52.67 -21.15
N LEU C 54 1.77 -51.86 -20.11
CA LEU C 54 0.79 -52.23 -19.07
C LEU C 54 -0.61 -51.83 -19.53
N VAL C 55 -1.57 -52.75 -19.53
CA VAL C 55 -2.97 -52.41 -19.90
C VAL C 55 -3.69 -51.93 -18.64
N VAL C 56 -3.55 -50.64 -18.31
CA VAL C 56 -4.19 -50.09 -17.08
C VAL C 56 -5.67 -50.49 -17.06
N GLU C 57 -6.38 -50.25 -18.16
CA GLU C 57 -7.83 -50.59 -18.25
C GLU C 57 -8.25 -50.64 -19.72
N ARG C 59 -7.45 -49.06 -21.51
CA ARG C 59 -6.34 -48.12 -21.80
C ARG C 59 -5.00 -48.84 -21.62
N HIS C 60 -3.93 -48.32 -22.24
CA HIS C 60 -2.59 -48.98 -22.16
C HIS C 60 -1.55 -47.96 -21.69
N ILE C 61 -0.52 -48.43 -20.99
CA ILE C 61 0.59 -47.53 -20.54
C ILE C 61 1.89 -48.33 -20.61
N GLU C 62 2.73 -48.05 -21.62
CA GLU C 62 3.99 -48.83 -21.79
C GLU C 62 4.89 -48.63 -20.58
N ALA C 63 5.61 -49.68 -20.16
CA ALA C 63 6.53 -49.58 -19.00
C ALA C 63 7.79 -50.40 -19.26
N HIS C 64 8.71 -50.44 -18.29
CA HIS C 64 9.95 -51.25 -18.43
C HIS C 64 9.95 -52.37 -17.37
N ARG C 65 9.86 -53.62 -17.80
CA ARG C 65 9.82 -54.77 -16.85
C ARG C 65 11.07 -54.76 -15.97
N ILE C 66 12.22 -54.36 -16.52
CA ILE C 66 13.50 -54.38 -15.73
C ILE C 66 13.30 -53.61 -14.43
N LEU C 67 12.87 -52.35 -14.52
CA LEU C 67 12.60 -51.53 -13.31
C LEU C 67 11.51 -52.21 -12.48
N LEU C 68 10.40 -52.60 -13.12
CA LEU C 68 9.26 -53.21 -12.39
C LEU C 68 9.76 -54.41 -11.58
N ALA C 69 10.45 -55.36 -12.24
CA ALA C 69 10.94 -56.57 -11.55
C ALA C 69 11.83 -56.16 -10.36
N ALA C 70 12.74 -55.22 -10.57
CA ALA C 70 13.66 -54.79 -9.50
C ALA C 70 12.89 -54.05 -8.40
N SER C 71 12.00 -53.14 -8.78
CA SER C 71 11.27 -52.33 -7.77
C SER C 71 10.43 -53.23 -6.86
N CYS C 72 9.64 -54.13 -7.45
CA CYS C 72 8.75 -55.02 -6.66
C CYS C 72 8.90 -56.46 -7.12
N ASP C 73 9.10 -57.39 -6.18
CA ASP C 73 9.25 -58.83 -6.53
C ASP C 73 7.90 -59.53 -6.35
N PHE C 75 9.40 -60.51 -12.32
CA PHE C 75 8.87 -59.40 -11.48
C PHE C 75 9.21 -59.67 -10.01
N GLY C 77 9.28 -63.54 -10.94
CA GLY C 77 8.01 -63.91 -10.29
C GLY C 77 6.85 -63.86 -11.28
N MET C 78 6.57 -62.67 -11.84
CA MET C 78 5.49 -62.52 -12.85
C MET C 78 6.13 -62.44 -14.24
N PHE C 79 6.70 -61.28 -14.56
CA PHE C 79 7.35 -61.07 -15.88
C PHE C 79 8.53 -62.05 -16.02
N ALA C 80 9.39 -62.09 -15.01
CA ALA C 80 10.56 -63.01 -15.05
C ALA C 80 10.09 -64.44 -14.75
N GLY C 81 8.89 -64.59 -14.20
CA GLY C 81 8.34 -65.92 -13.88
C GLY C 81 7.58 -66.50 -15.07
N GLY C 82 7.74 -65.90 -16.25
CA GLY C 82 7.05 -66.39 -17.46
C GLY C 82 5.55 -66.39 -17.29
N LEU C 83 4.98 -65.28 -16.78
CA LEU C 83 3.52 -65.17 -16.61
C LEU C 83 3.00 -63.99 -17.44
N MET C 86 6.19 -63.99 -19.93
CA MET C 86 6.80 -63.37 -21.10
C MET C 86 5.91 -63.53 -22.33
N GLU C 87 4.92 -64.42 -22.22
CA GLU C 87 3.99 -64.66 -23.36
C GLU C 87 3.03 -63.47 -23.47
N GLN C 88 2.89 -62.69 -22.41
CA GLN C 88 1.94 -61.54 -22.41
C GLN C 88 2.70 -60.23 -22.66
N GLU C 89 2.75 -59.80 -23.92
CA GLU C 89 3.41 -58.50 -24.24
C GLU C 89 2.56 -57.37 -23.67
N GLU C 90 1.24 -57.42 -23.86
CA GLU C 90 0.33 -56.40 -23.27
C GLU C 90 -0.20 -56.91 -21.93
N VAL C 91 0.65 -56.95 -20.91
CA VAL C 91 0.21 -57.37 -19.55
C VAL C 91 -0.88 -56.41 -19.07
N LEU C 92 -1.96 -56.93 -18.49
CA LEU C 92 -3.09 -56.07 -18.06
C LEU C 92 -2.93 -55.71 -16.58
N ILE C 93 -3.07 -54.42 -16.23
CA ILE C 93 -2.99 -53.99 -14.81
C ILE C 93 -4.29 -54.42 -14.10
N CYS C 102 -0.48 -45.26 -11.07
CA CYS C 102 0.31 -44.19 -11.65
C CYS C 102 1.29 -43.61 -10.63
N GLN C 103 0.84 -43.55 -9.37
CA GLN C 103 1.70 -43.04 -8.31
C GLN C 103 2.90 -43.97 -8.10
N ILE C 104 2.68 -45.28 -8.21
CA ILE C 104 3.79 -46.26 -8.00
C ILE C 104 4.81 -46.14 -9.13
N LEU C 105 4.36 -46.24 -10.39
CA LEU C 105 5.31 -46.22 -11.53
C LEU C 105 6.20 -44.99 -11.44
N HIS C 106 5.61 -43.81 -11.19
CA HIS C 106 6.41 -42.56 -11.06
C HIS C 106 7.54 -42.78 -10.05
N PHE C 107 7.18 -43.08 -8.79
CA PHE C 107 8.18 -43.26 -7.76
C PHE C 107 9.28 -44.21 -8.20
N ILE C 108 8.91 -45.28 -8.91
CA ILE C 108 9.91 -46.30 -9.34
C ILE C 108 11.01 -45.62 -10.17
N TYR C 109 10.63 -44.99 -11.28
CA TYR C 109 11.64 -44.37 -12.18
C TYR C 109 12.35 -43.22 -11.48
N THR C 110 11.62 -42.46 -10.65
CA THR C 110 12.23 -41.33 -9.89
C THR C 110 12.70 -41.83 -8.52
N GLN C 121 -6.01 -42.98 -1.68
CA GLN C 121 -6.92 -44.08 -1.38
C GLN C 121 -6.53 -45.34 -2.17
N GLU C 122 -6.48 -45.20 -3.49
CA GLU C 122 -6.08 -46.33 -4.33
C GLU C 122 -4.61 -46.67 -4.16
N THR C 123 -3.77 -45.66 -3.88
CA THR C 123 -2.36 -45.93 -3.64
C THR C 123 -2.16 -46.81 -2.42
N LEU C 124 -2.95 -46.58 -1.37
CA LEU C 124 -2.87 -47.43 -0.19
C LEU C 124 -3.22 -48.88 -0.54
N VAL C 125 -4.28 -49.08 -1.33
CA VAL C 125 -4.70 -50.42 -1.70
C VAL C 125 -3.62 -51.11 -2.54
N ALA C 126 -3.05 -50.38 -3.50
CA ALA C 126 -2.00 -50.95 -4.33
C ALA C 126 -0.76 -51.31 -3.51
N ALA C 127 -0.39 -50.43 -2.57
CA ALA C 127 0.76 -50.72 -1.72
C ALA C 127 0.52 -51.94 -0.84
N CYS C 128 -0.71 -52.07 -0.33
CA CYS C 128 -1.04 -53.28 0.43
C CYS C 128 -0.98 -54.52 -0.44
N GLN C 129 -1.47 -54.43 -1.68
CA GLN C 129 -1.45 -55.57 -2.60
C GLN C 129 -0.02 -55.90 -3.00
N LEU C 130 0.74 -54.90 -3.43
CA LEU C 130 2.14 -55.09 -3.82
C LEU C 130 3.01 -54.44 -2.76
N GLN C 131 3.63 -55.26 -1.91
CA GLN C 131 4.34 -54.78 -0.72
C GLN C 131 5.64 -54.09 -1.13
N ILE C 132 5.71 -52.78 -0.94
CA ILE C 132 6.93 -52.01 -1.13
C ILE C 132 7.12 -51.13 0.09
N PRO C 133 8.20 -51.32 0.87
CA PRO C 133 8.35 -50.56 2.12
C PRO C 133 8.38 -49.05 1.93
N GLU C 134 9.04 -48.57 0.87
CA GLU C 134 9.10 -47.12 0.65
C GLU C 134 7.73 -46.55 0.36
N ILE C 135 6.94 -47.23 -0.48
CA ILE C 135 5.60 -46.75 -0.78
C ILE C 135 4.71 -46.85 0.45
N ILE C 136 4.89 -47.89 1.27
CA ILE C 136 4.14 -48.01 2.51
C ILE C 136 4.43 -46.82 3.41
N HIS C 137 5.70 -46.49 3.59
CA HIS C 137 6.06 -45.36 4.45
C HIS C 137 5.53 -44.05 3.90
N PHE C 138 5.63 -43.86 2.57
CA PHE C 138 5.16 -42.62 1.98
C PHE C 138 3.65 -42.45 2.12
N CYS C 139 2.89 -43.52 1.86
CA CYS C 139 1.43 -43.42 1.97
C CYS C 139 1.00 -43.28 3.42
N CYS C 140 1.71 -43.93 4.35
CA CYS C 140 1.42 -43.74 5.77
C CYS C 140 1.66 -42.30 6.19
N ASP C 141 2.76 -41.70 5.73
CA ASP C 141 3.04 -40.31 6.06
C ASP C 141 2.00 -39.38 5.44
N PHE C 142 1.59 -39.65 4.21
CA PHE C 142 0.60 -38.83 3.53
C PHE C 142 -0.79 -39.03 4.13
N ARG D 21 -44.52 46.04 45.16
CA ARG D 21 -44.76 45.99 43.69
C ARG D 21 -43.56 45.33 43.00
N PHE D 22 -42.40 45.97 43.04
CA PHE D 22 -41.19 45.44 42.34
C PHE D 22 -40.06 45.25 43.34
N GLU D 23 -40.17 44.27 44.22
CA GLU D 23 -39.12 44.00 45.24
C GLU D 23 -38.22 42.86 44.76
N VAL D 24 -36.91 43.12 44.68
CA VAL D 24 -35.95 42.08 44.16
C VAL D 24 -35.93 40.88 45.11
N LYS D 25 -35.98 39.66 44.57
CA LYS D 25 -35.91 38.43 45.41
C LYS D 25 -34.91 37.46 44.79
N LYS D 26 -34.34 36.56 45.59
CA LYS D 26 -33.39 35.53 45.07
C LYS D 26 -32.40 36.20 44.11
N TRP D 27 -31.68 37.21 44.58
CA TRP D 27 -30.71 37.93 43.71
C TRP D 27 -29.46 37.08 43.49
N ASN D 28 -29.15 36.75 42.24
CA ASN D 28 -27.95 35.93 41.93
C ASN D 28 -26.74 36.86 41.79
N ALA D 29 -26.22 37.36 42.92
CA ALA D 29 -25.05 38.26 42.89
C ALA D 29 -23.87 37.55 42.22
N VAL D 30 -23.17 38.23 41.32
CA VAL D 30 -21.95 37.63 40.70
C VAL D 30 -20.78 38.58 40.98
N ALA D 31 -19.91 38.22 41.93
CA ALA D 31 -18.80 39.13 42.31
C ALA D 31 -17.47 38.51 41.89
N LEU D 32 -16.73 39.16 40.98
CA LEU D 32 -15.40 38.65 40.59
C LEU D 32 -14.41 38.98 41.71
N TRP D 33 -14.06 37.99 42.53
CA TRP D 33 -13.05 38.22 43.59
C TRP D 33 -11.69 38.48 42.92
N ALA D 34 -10.89 39.38 43.50
CA ALA D 34 -9.55 39.68 42.94
C ALA D 34 -8.56 39.83 44.09
N TRP D 35 -7.26 39.61 43.80
CA TRP D 35 -6.22 39.76 44.85
C TRP D 35 -6.36 41.13 45.50
N ASP D 36 -6.53 41.17 46.84
CA ASP D 36 -6.73 42.45 47.55
C ASP D 36 -5.54 42.72 48.46
N ASP D 51 -0.70 35.24 41.36
CA ASP D 51 -0.22 34.89 40.00
C ASP D 51 1.25 34.49 40.06
N LEU D 52 1.69 33.61 39.16
CA LEU D 52 3.10 33.12 39.17
C LEU D 52 4.06 34.31 39.16
N CYS D 53 5.06 34.30 40.04
CA CYS D 53 6.07 35.39 40.08
C CYS D 53 6.87 35.37 38.77
N ILE D 54 7.52 36.48 38.42
CA ILE D 54 8.27 36.54 37.16
C ILE D 54 9.02 35.25 36.92
N GLU D 55 9.70 34.76 37.96
CA GLU D 55 10.46 33.48 37.85
C GLU D 55 9.53 32.39 37.32
N CYS D 56 8.46 32.08 38.08
CA CYS D 56 7.52 31.00 37.67
C CYS D 56 6.84 31.36 36.35
N GLN D 57 6.36 32.60 36.23
CA GLN D 57 5.66 33.04 35.00
C GLN D 57 6.52 32.68 33.77
N ALA D 58 7.80 33.02 33.80
CA ALA D 58 8.70 32.72 32.70
C ALA D 58 9.16 31.27 32.73
N SER D 65 7.12 27.47 39.10
CA SER D 65 6.07 26.94 38.19
C SER D 65 4.68 27.16 38.80
N GLU D 66 3.64 26.56 38.21
CA GLU D 66 2.27 26.67 38.77
C GLU D 66 2.26 26.04 40.17
N GLU D 67 3.02 24.96 40.36
CA GLU D 67 3.10 24.29 41.69
C GLU D 67 3.60 25.31 42.72
N CYS D 68 4.61 26.11 42.35
CA CYS D 68 5.14 27.15 43.27
C CYS D 68 4.05 28.19 43.52
N THR D 69 3.92 28.66 44.77
CA THR D 69 2.87 29.65 45.12
C THR D 69 3.49 30.80 45.94
N VAL D 70 2.74 31.89 46.12
CA VAL D 70 3.25 33.05 46.91
C VAL D 70 4.03 32.53 48.12
N HIS D 77 5.87 41.66 53.28
CA HIS D 77 6.93 41.03 52.50
C HIS D 77 6.38 39.83 51.77
N ALA D 78 5.24 40.03 51.10
CA ALA D 78 4.52 38.95 50.42
C ALA D 78 5.07 38.80 49.01
N PHE D 79 5.74 37.67 48.76
CA PHE D 79 6.33 37.43 47.43
C PHE D 79 5.97 36.02 46.94
N HIS D 80 5.43 35.92 45.72
CA HIS D 80 5.10 34.58 45.16
C HIS D 80 6.40 33.78 45.02
N PHE D 81 6.42 32.56 45.56
CA PHE D 81 7.63 31.70 45.48
C PHE D 81 8.88 32.56 45.66
N GLN D 92 16.26 31.68 53.31
CA GLN D 92 15.54 30.68 54.08
C GLN D 92 14.61 31.33 55.10
N VAL D 93 14.79 32.63 55.32
CA VAL D 93 13.98 33.39 56.25
C VAL D 93 13.29 34.49 55.46
N CYS D 94 12.15 34.95 55.98
CA CYS D 94 11.40 36.01 55.32
C CYS D 94 12.28 37.25 55.18
N PRO D 95 12.42 37.79 53.96
CA PRO D 95 13.24 38.98 53.67
C PRO D 95 12.85 40.19 54.51
#